data_4W8L
#
_entry.id   4W8L
#
_cell.length_a   126.689
_cell.length_b   126.689
_cell.length_c   57.700
_cell.angle_alpha   90.00
_cell.angle_beta   90.00
_cell.angle_gamma   120.00
#
_symmetry.space_group_name_H-M   'P 32'
#
loop_
_entity.id
_entity.type
_entity.pdbx_description
1 polymer 'Endo-1,4-beta-xylanase C'
2 non-polymer 'CALCIUM ION'
3 non-polymer GLYCEROL
4 water water
#
_entity_poly.entity_id   1
_entity_poly.type   'polypeptide(L)'
_entity_poly.pdbx_seq_one_letter_code
;NIPDLAKKLGSSYALGAAIDQTALDPKDPHSELLTKHFNSITAGNFMKMDAMQPTEGKFVWSEADKLVNFAAANNMQVRG
HTLLWHSQVPDWFFTDPNDPSKPATREQLMQRMKTHIQTIVSRYKGKVHTWDVVNEVISDGGGLRNQASGSKWRDIIGDV
DGDGDDSDYIELAFRYAREADPDAVLVINDYGIEGSVSKMNDMVKLVEKLLAKGTPIDAIGFQMHVSMYGPDIKQIREAF
NRAAALGVHIQVTELDMSIYSGNSEQEKPVTDEMMLEQAYRYRALFDLFKEFDDRGVMDSVTLWGLADDGTWLDDFPVKG
RKDAPLLFDRKLKAKPAYWALVDPSTLPVYRN
;
_entity_poly.pdbx_strand_id   A,B,C
#
# COMPACT_ATOMS: atom_id res chain seq x y z
N ASN A 1 15.15 -19.06 12.27
CA ASN A 1 14.18 -18.89 13.39
C ASN A 1 14.48 -17.75 14.35
N ILE A 2 15.46 -16.92 14.00
CA ILE A 2 15.77 -15.72 14.76
C ILE A 2 14.76 -14.63 14.43
N PRO A 3 14.64 -13.59 15.30
CA PRO A 3 13.64 -12.58 15.00
C PRO A 3 13.85 -11.94 13.62
N ASP A 4 12.74 -11.53 13.00
CA ASP A 4 12.77 -10.78 11.74
C ASP A 4 13.21 -9.37 12.08
N LEU A 5 14.33 -8.92 11.50
CA LEU A 5 14.94 -7.65 11.88
C LEU A 5 14.01 -6.41 11.77
N ALA A 6 13.44 -6.18 10.58
CA ALA A 6 12.59 -5.00 10.36
C ALA A 6 11.38 -4.97 11.32
N LYS A 7 10.82 -6.13 11.57
CA LYS A 7 9.64 -6.24 12.43
C LYS A 7 9.93 -5.82 13.85
N LYS A 8 11.08 -6.26 14.37
CA LYS A 8 11.49 -5.99 15.74
C LYS A 8 11.77 -4.51 16.01
N LEU A 9 12.20 -3.77 15.00
CA LEU A 9 12.52 -2.36 15.18
C LEU A 9 11.25 -1.53 15.41
N GLY A 10 10.12 -1.98 14.85
CA GLY A 10 8.84 -1.27 14.98
C GLY A 10 8.94 0.19 14.57
N SER A 11 9.55 0.42 13.40
CA SER A 11 9.80 1.74 12.87
C SER A 11 8.74 2.16 11.87
N SER A 12 8.51 3.46 11.74
CA SER A 12 7.74 3.99 10.62
C SER A 12 8.57 3.85 9.33
N TYR A 13 9.90 3.99 9.45
CA TYR A 13 10.76 3.90 8.27
C TYR A 13 10.90 2.47 7.75
N ALA A 14 11.05 2.33 6.43
CA ALA A 14 11.35 1.04 5.81
C ALA A 14 12.81 0.66 6.08
N LEU A 15 13.06 -0.64 6.22
CA LEU A 15 14.40 -1.19 6.37
C LEU A 15 14.81 -2.00 5.15
N GLY A 16 15.86 -1.53 4.47
CA GLY A 16 16.26 -2.10 3.19
C GLY A 16 17.65 -2.67 3.18
N ALA A 17 17.93 -3.40 2.11
CA ALA A 17 19.27 -3.91 1.84
C ALA A 17 19.56 -3.80 0.36
N ALA A 18 20.79 -3.43 0.05
CA ALA A 18 21.26 -3.37 -1.32
C ALA A 18 21.67 -4.76 -1.74
N ILE A 19 21.37 -5.09 -2.99
CA ILE A 19 21.57 -6.45 -3.48
C ILE A 19 22.16 -6.49 -4.89
N ASP A 20 22.65 -7.65 -5.28
CA ASP A 20 22.76 -7.99 -6.71
C ASP A 20 21.67 -9.00 -7.10
N GLN A 21 21.67 -9.44 -8.37
CA GLN A 21 20.59 -10.29 -8.89
C GLN A 21 20.45 -11.63 -8.17
N THR A 22 21.54 -12.06 -7.55
CA THR A 22 21.59 -13.38 -6.91
C THR A 22 20.62 -13.48 -5.72
N ALA A 23 20.29 -12.33 -5.12
CA ALA A 23 19.32 -12.29 -4.04
C ALA A 23 17.86 -12.35 -4.53
N LEU A 24 17.68 -12.41 -5.85
CA LEU A 24 16.34 -12.55 -6.44
C LEU A 24 16.07 -14.01 -6.81
N ASP A 25 17.11 -14.84 -6.71
CA ASP A 25 17.12 -16.30 -7.05
C ASP A 25 16.65 -17.14 -5.85
N PRO A 26 15.67 -18.06 -6.08
CA PRO A 26 15.16 -18.84 -4.95
C PRO A 26 16.12 -19.93 -4.45
N LYS A 27 17.03 -20.38 -5.32
CA LYS A 27 18.01 -21.41 -4.98
C LYS A 27 19.22 -20.83 -4.24
N ASP A 28 19.19 -19.52 -4.00
CA ASP A 28 20.27 -18.82 -3.30
C ASP A 28 19.88 -18.43 -1.86
N PRO A 29 20.72 -18.78 -0.86
CA PRO A 29 20.43 -18.48 0.54
C PRO A 29 20.38 -16.99 0.89
N HIS A 30 20.94 -16.12 0.03
CA HIS A 30 20.82 -14.66 0.23
C HIS A 30 19.40 -14.15 0.07
N SER A 31 18.64 -14.79 -0.82
CA SER A 31 17.26 -14.39 -1.08
C SER A 31 16.37 -14.52 0.14
N GLU A 32 16.42 -15.67 0.81
CA GLU A 32 15.60 -15.86 2.00
C GLU A 32 16.04 -14.93 3.15
N LEU A 33 17.33 -14.61 3.21
CA LEU A 33 17.84 -13.62 4.15
C LEU A 33 17.21 -12.23 3.95
N LEU A 34 17.15 -11.78 2.70
CA LEU A 34 16.52 -10.53 2.31
C LEU A 34 15.04 -10.40 2.70
N THR A 35 14.26 -11.43 2.40
CA THR A 35 12.82 -11.40 2.63
C THR A 35 12.46 -11.64 4.10
N LYS A 36 13.34 -12.32 4.83
CA LYS A 36 13.09 -12.53 6.26
C LYS A 36 13.28 -11.24 7.05
N HIS A 37 14.33 -10.49 6.72
CA HIS A 37 14.81 -9.44 7.62
C HIS A 37 14.52 -8.01 7.16
N PHE A 38 14.24 -7.83 5.87
CA PHE A 38 14.07 -6.51 5.27
C PHE A 38 12.73 -6.35 4.56
N ASN A 39 12.28 -5.11 4.43
CA ASN A 39 11.05 -4.82 3.68
C ASN A 39 11.25 -3.80 2.57
N SER A 40 12.51 -3.55 2.23
CA SER A 40 12.85 -2.66 1.12
C SER A 40 14.12 -3.14 0.42
N ILE A 41 14.22 -2.87 -0.88
CA ILE A 41 15.35 -3.34 -1.68
C ILE A 41 15.93 -2.23 -2.54
N THR A 42 17.27 -2.15 -2.59
CA THR A 42 17.96 -1.29 -3.54
C THR A 42 18.90 -2.13 -4.37
N ALA A 43 18.99 -1.84 -5.66
CA ALA A 43 20.00 -2.47 -6.49
C ALA A 43 21.34 -1.79 -6.25
N GLY A 44 22.35 -2.58 -5.87
CA GLY A 44 23.71 -2.02 -5.67
C GLY A 44 24.27 -1.41 -6.94
N ASN A 45 24.13 -2.14 -8.04
CA ASN A 45 24.70 -1.71 -9.31
C ASN A 45 23.82 -1.84 -10.54
N PHE A 46 22.87 -2.77 -10.51
CA PHE A 46 22.14 -3.11 -11.74
C PHE A 46 21.08 -2.11 -12.19
N MET A 47 20.89 -1.05 -11.42
CA MET A 47 20.01 0.05 -11.85
C MET A 47 20.76 1.37 -12.08
N LYS A 48 22.09 1.32 -12.07
CA LYS A 48 22.91 2.47 -12.43
C LYS A 48 22.79 2.78 -13.92
N MET A 49 23.27 3.94 -14.33
CA MET A 49 23.01 4.43 -15.70
C MET A 49 23.57 3.51 -16.77
N ASP A 50 24.74 2.95 -16.51
CA ASP A 50 25.42 2.10 -17.49
C ASP A 50 24.76 0.73 -17.60
N ALA A 51 24.16 0.26 -16.51
CA ALA A 51 23.41 -0.99 -16.53
C ALA A 51 22.06 -0.84 -17.22
N MET A 52 21.44 0.34 -17.11
CA MET A 52 20.07 0.53 -17.64
C MET A 52 20.04 1.00 -19.09
N GLN A 53 21.07 1.72 -19.51
CA GLN A 53 21.16 2.17 -20.91
C GLN A 53 22.61 2.12 -21.41
N PRO A 54 23.16 0.91 -21.59
CA PRO A 54 24.58 0.74 -21.96
C PRO A 54 24.97 1.43 -23.28
N THR A 55 24.05 1.46 -24.23
CA THR A 55 24.26 2.18 -25.50
C THR A 55 23.02 3.03 -25.76
N GLU A 56 23.18 4.14 -26.47
CA GLU A 56 22.07 5.07 -26.66
C GLU A 56 20.84 4.45 -27.32
N GLY A 57 19.72 4.54 -26.62
CA GLY A 57 18.44 4.07 -27.12
C GLY A 57 18.16 2.60 -26.85
N LYS A 58 19.14 1.89 -26.29
CA LYS A 58 18.99 0.47 -25.98
C LYS A 58 18.88 0.26 -24.47
N PHE A 59 17.67 0.30 -23.94
CA PHE A 59 17.47 0.07 -22.50
C PHE A 59 17.48 -1.41 -22.15
N VAL A 60 17.97 -1.71 -20.95
CA VAL A 60 17.97 -3.07 -20.41
C VAL A 60 16.93 -3.14 -19.29
N TRP A 61 15.88 -3.92 -19.51
CA TRP A 61 14.78 -3.99 -18.56
C TRP A 61 14.78 -5.27 -17.72
N SER A 62 15.51 -6.29 -18.17
CA SER A 62 15.36 -7.63 -17.56
C SER A 62 15.66 -7.66 -16.06
N GLU A 63 16.66 -6.91 -15.63
CA GLU A 63 17.10 -7.01 -14.24
C GLU A 63 16.18 -6.26 -13.29
N ALA A 64 15.86 -5.01 -13.64
CA ALA A 64 14.92 -4.22 -12.84
C ALA A 64 13.50 -4.80 -12.93
N ASP A 65 13.14 -5.39 -14.07
CA ASP A 65 11.85 -6.09 -14.18
C ASP A 65 11.78 -7.23 -13.17
N LYS A 66 12.84 -8.03 -13.07
CA LYS A 66 12.86 -9.14 -12.13
C LYS A 66 12.81 -8.63 -10.70
N LEU A 67 13.53 -7.54 -10.45
CA LEU A 67 13.48 -6.89 -9.14
C LEU A 67 12.06 -6.49 -8.73
N VAL A 68 11.34 -5.78 -9.61
CA VAL A 68 10.00 -5.31 -9.23
C VAL A 68 8.99 -6.47 -9.07
N ASN A 69 9.14 -7.52 -9.88
CA ASN A 69 8.32 -8.72 -9.71
C ASN A 69 8.56 -9.41 -8.38
N PHE A 70 9.83 -9.57 -8.01
CA PHE A 70 10.22 -10.14 -6.72
C PHE A 70 9.69 -9.29 -5.56
N ALA A 71 9.82 -7.96 -5.69
CA ALA A 71 9.43 -7.06 -4.62
C ALA A 71 7.92 -7.07 -4.38
N ALA A 72 7.13 -7.00 -5.46
CA ALA A 72 5.68 -7.09 -5.33
C ALA A 72 5.27 -8.44 -4.73
N ALA A 73 5.92 -9.52 -5.18
CA ALA A 73 5.62 -10.88 -4.71
C ALA A 73 5.87 -11.05 -3.20
N ASN A 74 6.83 -10.29 -2.67
CA ASN A 74 7.22 -10.42 -1.27
C ASN A 74 6.87 -9.21 -0.42
N ASN A 75 6.00 -8.34 -0.94
CA ASN A 75 5.48 -7.18 -0.22
C ASN A 75 6.64 -6.27 0.25
N MET A 76 7.57 -5.99 -0.66
CA MET A 76 8.70 -5.13 -0.34
C MET A 76 8.73 -3.87 -1.22
N GLN A 77 9.21 -2.77 -0.64
CA GLN A 77 9.42 -1.53 -1.41
C GLN A 77 10.75 -1.61 -2.19
N VAL A 78 10.88 -0.76 -3.20
CA VAL A 78 12.11 -0.66 -3.99
C VAL A 78 12.57 0.78 -4.07
N ARG A 79 13.86 1.00 -3.80
CA ARG A 79 14.50 2.28 -4.10
C ARG A 79 15.25 2.13 -5.42
N GLY A 80 15.10 3.12 -6.31
CA GLY A 80 15.81 3.13 -7.59
C GLY A 80 17.11 3.91 -7.50
N HIS A 81 18.23 3.18 -7.60
CA HIS A 81 19.58 3.76 -7.46
C HIS A 81 20.37 3.49 -8.74
N THR A 82 20.79 4.50 -9.52
CA THR A 82 20.47 5.92 -9.36
C THR A 82 20.27 6.45 -10.78
N LEU A 83 19.53 7.54 -10.93
CA LEU A 83 19.23 8.04 -12.27
C LEU A 83 20.32 8.93 -12.88
N LEU A 84 21.17 9.49 -12.03
CA LEU A 84 22.22 10.42 -12.47
C LEU A 84 23.42 10.32 -11.54
N TRP A 85 24.57 10.09 -12.14
CA TRP A 85 25.82 10.03 -11.40
C TRP A 85 26.98 10.33 -12.37
N HIS A 86 28.18 10.43 -11.83
CA HIS A 86 29.38 10.66 -12.64
C HIS A 86 30.30 9.45 -12.67
N SER A 87 29.90 8.38 -12.00
CA SER A 87 30.57 7.08 -12.10
C SER A 87 29.57 6.09 -12.67
N GLN A 88 30.07 4.97 -13.20
CA GLN A 88 29.22 3.93 -13.78
C GLN A 88 28.16 4.51 -14.72
N VAL A 89 28.63 5.37 -15.61
CA VAL A 89 27.78 6.04 -16.58
C VAL A 89 28.50 5.92 -17.93
N PRO A 90 27.76 5.53 -18.99
CA PRO A 90 28.46 5.29 -20.26
C PRO A 90 29.03 6.57 -20.86
N ASP A 91 30.21 6.46 -21.47
CA ASP A 91 30.88 7.59 -22.11
C ASP A 91 30.04 8.30 -23.15
N TRP A 92 29.18 7.54 -23.85
CA TRP A 92 28.37 8.10 -24.93
C TRP A 92 27.47 9.28 -24.51
N PHE A 93 27.17 9.37 -23.21
CA PHE A 93 26.34 10.48 -22.69
C PHE A 93 26.95 11.85 -22.96
N PHE A 94 28.27 11.92 -22.87
CA PHE A 94 28.96 13.20 -22.79
C PHE A 94 29.72 13.57 -24.06
N THR A 95 29.57 12.74 -25.10
CA THR A 95 30.22 13.02 -26.37
C THR A 95 29.18 13.30 -27.45
N ASP A 96 29.57 14.13 -28.42
CA ASP A 96 28.74 14.46 -29.58
C ASP A 96 28.38 13.18 -30.32
N PRO A 97 27.08 12.95 -30.60
CA PRO A 97 26.60 11.72 -31.23
C PRO A 97 27.18 11.43 -32.62
N ASN A 98 27.73 12.47 -33.26
CA ASN A 98 28.32 12.34 -34.59
C ASN A 98 29.84 12.51 -34.62
N ASP A 99 30.38 13.15 -33.57
CA ASP A 99 31.81 13.30 -33.41
C ASP A 99 32.21 12.87 -31.99
N PRO A 100 32.45 11.55 -31.79
CA PRO A 100 32.81 11.03 -30.46
C PRO A 100 34.06 11.67 -29.83
N SER A 101 34.78 12.50 -30.59
CA SER A 101 35.98 13.18 -30.10
C SER A 101 35.66 14.55 -29.50
N LYS A 102 34.43 15.02 -29.69
CA LYS A 102 33.99 16.32 -29.17
C LYS A 102 32.90 16.16 -28.11
N PRO A 103 32.75 17.16 -27.21
CA PRO A 103 31.73 17.00 -26.16
C PRO A 103 30.29 17.09 -26.68
N ALA A 104 29.37 16.48 -25.94
CA ALA A 104 27.95 16.66 -26.16
C ALA A 104 27.58 18.12 -25.94
N THR A 105 26.49 18.53 -26.55
CA THR A 105 25.97 19.88 -26.43
C THR A 105 25.10 20.01 -25.17
N ARG A 106 24.95 21.23 -24.62
CA ARG A 106 23.96 21.50 -23.58
C ARG A 106 22.64 20.84 -23.93
N GLU A 107 22.16 21.13 -25.15
CA GLU A 107 20.87 20.63 -25.59
C GLU A 107 20.85 19.10 -25.72
N GLN A 108 21.93 18.52 -26.24
CA GLN A 108 22.02 17.07 -26.37
C GLN A 108 22.02 16.36 -25.01
N LEU A 109 22.81 16.86 -24.08
CA LEU A 109 22.90 16.24 -22.75
C LEU A 109 21.60 16.44 -21.95
N MET A 110 20.98 17.61 -22.10
CA MET A 110 19.69 17.84 -21.47
C MET A 110 18.67 16.82 -21.95
N GLN A 111 18.64 16.60 -23.27
CA GLN A 111 17.69 15.69 -23.88
C GLN A 111 17.98 14.25 -23.45
N ARG A 112 19.25 13.91 -23.39
CA ARG A 112 19.67 12.57 -22.96
C ARG A 112 19.29 12.28 -21.51
N MET A 113 19.48 13.28 -20.66
CA MET A 113 19.10 13.20 -19.25
C MET A 113 17.60 12.94 -19.13
N LYS A 114 16.82 13.76 -19.85
CA LYS A 114 15.36 13.64 -19.88
C LYS A 114 14.90 12.26 -20.37
N THR A 115 15.49 11.77 -21.45
CA THR A 115 15.10 10.47 -21.99
C THR A 115 15.43 9.33 -21.03
N HIS A 116 16.64 9.39 -20.45
CA HIS A 116 17.07 8.35 -19.52
C HIS A 116 16.14 8.30 -18.33
N ILE A 117 15.95 9.46 -17.68
CA ILE A 117 15.14 9.57 -16.47
C ILE A 117 13.70 9.15 -16.74
N GLN A 118 13.11 9.74 -17.76
CA GLN A 118 11.69 9.53 -17.98
C GLN A 118 11.31 8.14 -18.49
N THR A 119 12.12 7.56 -19.38
CA THR A 119 11.85 6.20 -19.86
C THR A 119 11.86 5.22 -18.70
N ILE A 120 12.86 5.36 -17.82
CA ILE A 120 12.99 4.47 -16.68
C ILE A 120 11.90 4.70 -15.64
N VAL A 121 11.71 5.96 -15.23
CA VAL A 121 10.71 6.30 -14.20
C VAL A 121 9.30 5.93 -14.67
N SER A 122 9.00 6.23 -15.93
CA SER A 122 7.70 5.91 -16.49
C SER A 122 7.42 4.41 -16.48
N ARG A 123 8.40 3.60 -16.86
CA ARG A 123 8.22 2.14 -16.85
C ARG A 123 7.83 1.62 -15.47
N TYR A 124 8.46 2.19 -14.43
CA TYR A 124 8.35 1.67 -13.07
C TYR A 124 7.46 2.49 -12.13
N LYS A 125 6.68 3.42 -12.68
CA LYS A 125 5.59 4.08 -11.94
C LYS A 125 4.81 3.09 -11.08
N GLY A 126 4.71 3.37 -9.79
CA GLY A 126 3.90 2.55 -8.89
C GLY A 126 4.52 1.23 -8.50
N LYS A 127 5.72 0.96 -9.03
CA LYS A 127 6.43 -0.27 -8.72
C LYS A 127 7.70 0.07 -7.94
N VAL A 128 8.36 1.15 -8.36
CA VAL A 128 9.49 1.70 -7.62
C VAL A 128 9.03 3.01 -6.99
N HIS A 129 8.93 3.02 -5.67
CA HIS A 129 8.35 4.14 -4.94
C HIS A 129 9.32 5.31 -4.78
N THR A 130 10.62 5.02 -4.81
CA THR A 130 11.62 6.03 -4.45
C THR A 130 12.78 5.97 -5.41
N TRP A 131 13.30 7.15 -5.77
CA TRP A 131 14.47 7.27 -6.65
C TRP A 131 15.55 8.16 -6.07
N ASP A 132 16.80 7.66 -6.09
CA ASP A 132 17.96 8.55 -5.99
C ASP A 132 18.07 9.21 -7.36
N VAL A 133 17.49 10.41 -7.45
CA VAL A 133 17.42 11.13 -8.72
C VAL A 133 18.80 11.61 -9.15
N VAL A 134 19.55 12.16 -8.19
CA VAL A 134 20.96 12.48 -8.41
C VAL A 134 21.79 11.91 -7.26
N ASN A 135 23.01 11.50 -7.60
CA ASN A 135 23.92 10.89 -6.63
C ASN A 135 25.23 11.70 -6.63
N GLU A 136 25.66 12.12 -5.44
CA GLU A 136 27.00 12.67 -5.21
C GLU A 136 27.34 13.88 -6.11
N VAL A 137 26.46 14.88 -6.13
CA VAL A 137 26.69 16.03 -7.01
C VAL A 137 27.57 17.11 -6.39
N ILE A 138 27.88 16.96 -5.10
CA ILE A 138 28.68 17.96 -4.37
C ILE A 138 30.14 17.51 -4.29
N SER A 139 31.07 18.40 -4.61
CA SER A 139 32.50 18.07 -4.46
C SER A 139 32.93 18.02 -2.99
N ASP A 140 33.80 17.08 -2.64
CA ASP A 140 34.41 17.06 -1.31
C ASP A 140 35.28 18.29 -1.05
N GLY A 141 35.70 18.96 -2.11
CA GLY A 141 36.57 20.14 -1.99
C GLY A 141 35.78 21.44 -2.00
N GLY A 142 34.46 21.36 -2.10
CA GLY A 142 33.61 22.53 -2.01
C GLY A 142 32.91 22.82 -3.30
N GLY A 143 31.63 23.18 -3.22
CA GLY A 143 30.85 23.55 -4.39
C GLY A 143 30.33 22.33 -5.12
N LEU A 144 29.65 22.56 -6.23
CA LEU A 144 29.13 21.47 -7.06
C LEU A 144 30.27 20.84 -7.84
N ARG A 145 30.19 19.53 -8.10
CA ARG A 145 31.22 18.88 -8.88
C ARG A 145 31.30 19.46 -10.29
N ASN A 146 32.52 19.49 -10.82
CA ASN A 146 32.77 19.78 -12.23
C ASN A 146 33.90 18.85 -12.69
N GLN A 147 34.53 19.16 -13.82
CA GLN A 147 35.50 18.23 -14.37
C GLN A 147 36.65 17.90 -13.40
N ALA A 148 37.19 18.92 -12.75
CA ALA A 148 38.24 18.75 -11.75
C ALA A 148 37.83 17.84 -10.60
N SER A 149 36.53 17.75 -10.32
CA SER A 149 36.02 16.83 -9.30
C SER A 149 35.19 15.65 -9.87
N GLY A 150 35.46 15.29 -11.12
CA GLY A 150 35.04 13.99 -11.67
C GLY A 150 33.75 13.92 -12.45
N SER A 151 33.12 15.06 -12.72
CA SER A 151 31.80 15.08 -13.29
C SER A 151 31.71 16.05 -14.47
N LYS A 152 31.02 15.63 -15.54
CA LYS A 152 30.96 16.43 -16.77
C LYS A 152 29.62 17.16 -16.93
N TRP A 153 28.67 16.86 -16.04
CA TRP A 153 27.30 17.36 -16.18
C TRP A 153 27.17 18.89 -16.19
N ARG A 154 27.80 19.53 -15.20
CA ARG A 154 27.66 20.98 -14.96
C ARG A 154 28.42 21.81 -16.00
N ASP A 155 29.56 21.31 -16.44
CA ASP A 155 30.32 22.01 -17.48
C ASP A 155 29.61 22.00 -18.84
N ILE A 156 28.94 20.90 -19.15
CA ILE A 156 28.23 20.79 -20.41
C ILE A 156 26.88 21.54 -20.39
N ILE A 157 26.10 21.31 -19.34
CA ILE A 157 24.73 21.85 -19.29
C ILE A 157 24.76 23.32 -18.82
N GLY A 158 25.45 23.58 -17.72
CA GLY A 158 25.67 24.96 -17.25
C GLY A 158 24.42 25.69 -16.80
N ASP A 159 24.49 27.02 -16.88
CA ASP A 159 23.44 27.91 -16.40
C ASP A 159 22.39 28.08 -17.50
N VAL A 160 21.53 27.07 -17.64
CA VAL A 160 20.51 27.03 -18.70
C VAL A 160 19.67 28.31 -18.74
N ASP A 161 19.10 28.69 -17.60
CA ASP A 161 18.16 29.83 -17.55
C ASP A 161 18.86 31.20 -17.50
N GLY A 162 20.18 31.17 -17.30
CA GLY A 162 20.99 32.39 -17.28
C GLY A 162 20.82 33.26 -16.06
N ASP A 163 20.42 32.66 -14.94
CA ASP A 163 20.20 33.39 -13.69
C ASP A 163 21.46 33.55 -12.82
N GLY A 164 22.62 33.20 -13.36
CA GLY A 164 23.89 33.33 -12.63
C GLY A 164 24.22 32.14 -11.73
N ASP A 165 23.27 31.22 -11.60
CA ASP A 165 23.49 29.99 -10.84
C ASP A 165 23.50 28.80 -11.81
N ASP A 166 24.41 27.84 -11.62
CA ASP A 166 24.51 26.71 -12.55
C ASP A 166 24.12 25.33 -11.99
N SER A 167 23.23 25.32 -11.01
CA SER A 167 22.63 24.08 -10.49
C SER A 167 21.49 23.58 -11.40
N ASP A 168 21.35 24.18 -12.58
CA ASP A 168 20.23 23.87 -13.48
C ASP A 168 20.06 22.38 -13.76
N TYR A 169 21.15 21.69 -14.05
CA TYR A 169 21.05 20.28 -14.43
C TYR A 169 20.44 19.43 -13.33
N ILE A 170 20.71 19.79 -12.08
CA ILE A 170 20.17 19.07 -10.94
C ILE A 170 18.66 19.34 -10.84
N GLU A 171 18.30 20.62 -10.95
CA GLU A 171 16.90 21.02 -10.90
C GLU A 171 16.09 20.29 -12.00
N LEU A 172 16.64 20.28 -13.20
CA LEU A 172 16.05 19.57 -14.32
C LEU A 172 15.88 18.08 -14.09
N ALA A 173 16.91 17.41 -13.55
CA ALA A 173 16.79 15.98 -13.24
C ALA A 173 15.55 15.72 -12.36
N PHE A 174 15.36 16.54 -11.31
CA PHE A 174 14.20 16.40 -10.42
C PHE A 174 12.86 16.66 -11.11
N ARG A 175 12.80 17.74 -11.89
CA ARG A 175 11.60 18.09 -12.67
C ARG A 175 11.22 17.02 -13.69
N TYR A 176 12.21 16.43 -14.35
CA TYR A 176 11.96 15.37 -15.31
C TYR A 176 11.39 14.12 -14.64
N ALA A 177 11.97 13.77 -13.49
CA ALA A 177 11.52 12.62 -12.73
C ALA A 177 10.07 12.77 -12.26
N ARG A 178 9.75 13.93 -11.68
CA ARG A 178 8.41 14.21 -11.15
C ARG A 178 7.37 14.20 -12.29
N GLU A 179 7.78 14.72 -13.43
CA GLU A 179 6.97 14.74 -14.64
C GLU A 179 6.61 13.31 -15.08
N ALA A 180 7.53 12.37 -14.94
CA ALA A 180 7.27 10.98 -15.28
C ALA A 180 6.52 10.19 -14.19
N ASP A 181 6.58 10.66 -12.95
CA ASP A 181 5.87 10.00 -11.84
C ASP A 181 5.50 11.00 -10.73
N PRO A 182 4.20 11.38 -10.67
CA PRO A 182 3.73 12.33 -9.68
C PRO A 182 3.86 11.85 -8.24
N ASP A 183 3.88 10.54 -8.03
CA ASP A 183 3.84 9.96 -6.68
C ASP A 183 5.19 9.54 -6.08
N ALA A 184 6.20 9.40 -6.93
CA ALA A 184 7.50 8.86 -6.48
C ALA A 184 8.22 9.79 -5.50
N VAL A 185 8.88 9.21 -4.49
CA VAL A 185 9.68 9.97 -3.55
C VAL A 185 11.03 10.28 -4.19
N LEU A 186 11.36 11.57 -4.33
CA LEU A 186 12.55 11.98 -5.07
C LEU A 186 13.66 12.46 -4.14
N VAL A 187 14.82 11.81 -4.25
CA VAL A 187 15.91 11.94 -3.27
C VAL A 187 17.19 12.48 -3.91
N ILE A 188 17.84 13.43 -3.23
CA ILE A 188 19.22 13.81 -3.57
C ILE A 188 20.14 13.05 -2.59
N ASN A 189 21.04 12.23 -3.14
CA ASN A 189 21.81 11.30 -2.33
C ASN A 189 23.26 11.71 -2.25
N ASP A 190 23.87 11.62 -1.07
CA ASP A 190 25.31 11.92 -0.96
C ASP A 190 26.00 11.27 0.23
N TYR A 191 27.33 11.15 0.13
CA TYR A 191 28.18 10.66 1.21
C TYR A 191 28.90 11.81 1.92
N GLY A 192 29.39 11.53 3.12
CA GLY A 192 30.29 12.46 3.82
C GLY A 192 29.58 13.60 4.54
N ILE A 193 28.37 13.92 4.10
CA ILE A 193 27.62 15.05 4.65
C ILE A 193 27.21 14.87 6.13
N GLU A 194 27.20 13.62 6.60
CA GLU A 194 26.93 13.34 8.01
C GLU A 194 28.05 13.77 8.96
N GLY A 195 29.27 13.90 8.45
CA GLY A 195 30.43 14.20 9.30
C GLY A 195 31.27 15.38 8.85
N SER A 196 30.96 15.92 7.68
CA SER A 196 31.65 17.12 7.19
C SER A 196 30.73 18.34 7.24
N VAL A 197 31.07 19.28 8.10
CA VAL A 197 30.29 20.50 8.18
C VAL A 197 30.35 21.26 6.85
N SER A 198 31.52 21.33 6.24
CA SER A 198 31.66 22.05 4.97
C SER A 198 30.86 21.41 3.84
N LYS A 199 30.83 20.08 3.80
CA LYS A 199 30.07 19.42 2.74
C LYS A 199 28.56 19.58 3.01
N MET A 200 28.15 19.46 4.27
CA MET A 200 26.74 19.66 4.62
C MET A 200 26.32 21.12 4.39
N ASN A 201 27.24 22.07 4.61
CA ASN A 201 26.98 23.48 4.29
C ASN A 201 26.56 23.61 2.84
N ASP A 202 27.28 22.92 1.95
CA ASP A 202 26.99 22.94 0.53
C ASP A 202 25.65 22.26 0.21
N MET A 203 25.40 21.11 0.84
CA MET A 203 24.11 20.43 0.68
C MET A 203 22.94 21.32 1.09
N VAL A 204 23.08 21.98 2.24
CA VAL A 204 22.03 22.87 2.74
C VAL A 204 21.77 24.03 1.76
N LYS A 205 22.83 24.70 1.34
CA LYS A 205 22.73 25.80 0.37
C LYS A 205 22.08 25.36 -0.93
N LEU A 206 22.48 24.18 -1.43
CA LEU A 206 21.97 23.66 -2.69
C LEU A 206 20.46 23.36 -2.63
N VAL A 207 20.05 22.66 -1.58
CA VAL A 207 18.66 22.25 -1.41
C VAL A 207 17.77 23.48 -1.13
N GLU A 208 18.25 24.40 -0.30
CA GLU A 208 17.53 25.66 -0.05
C GLU A 208 17.22 26.37 -1.35
N LYS A 209 18.23 26.53 -2.20
CA LYS A 209 18.10 27.18 -3.48
C LYS A 209 17.15 26.46 -4.43
N LEU A 210 17.25 25.12 -4.47
CA LEU A 210 16.36 24.33 -5.32
C LEU A 210 14.90 24.36 -4.86
N LEU A 211 14.68 24.21 -3.55
CA LEU A 211 13.34 24.29 -2.97
C LEU A 211 12.69 25.65 -3.23
N ALA A 212 13.49 26.72 -3.15
CA ALA A 212 13.01 28.08 -3.43
C ALA A 212 12.58 28.25 -4.90
N LYS A 213 13.13 27.41 -5.78
CA LYS A 213 12.73 27.38 -7.20
C LYS A 213 11.53 26.48 -7.48
N GLY A 214 11.01 25.81 -6.45
CA GLY A 214 9.92 24.86 -6.60
C GLY A 214 10.35 23.47 -7.07
N THR A 215 11.64 23.15 -6.89
CA THR A 215 12.17 21.84 -7.29
C THR A 215 11.56 20.75 -6.41
N PRO A 216 11.02 19.68 -7.04
CA PRO A 216 10.40 18.58 -6.30
C PRO A 216 11.39 17.60 -5.66
N ILE A 217 12.04 18.04 -4.58
CA ILE A 217 12.94 17.21 -3.76
C ILE A 217 12.18 16.82 -2.50
N ASP A 218 12.07 15.53 -2.25
CA ASP A 218 11.34 15.04 -1.08
C ASP A 218 12.25 14.73 0.10
N ALA A 219 13.47 14.29 -0.19
CA ALA A 219 14.38 13.84 0.86
C ALA A 219 15.85 14.03 0.51
N ILE A 220 16.66 14.19 1.55
CA ILE A 220 18.10 14.14 1.42
C ILE A 220 18.52 12.76 1.85
N GLY A 221 19.23 12.06 0.95
CA GLY A 221 19.76 10.74 1.26
C GLY A 221 21.19 10.87 1.80
N PHE A 222 21.41 10.28 2.97
CA PHE A 222 22.71 10.16 3.59
C PHE A 222 23.19 8.74 3.36
N GLN A 223 24.23 8.59 2.57
CA GLN A 223 24.76 7.25 2.30
C GLN A 223 25.21 6.58 3.59
N MET A 224 25.85 7.34 4.48
CA MET A 224 26.30 6.82 5.77
C MET A 224 27.33 5.69 5.63
N HIS A 225 28.33 5.95 4.80
CA HIS A 225 29.52 5.09 4.75
C HIS A 225 30.43 5.46 5.92
N VAL A 226 30.12 4.90 7.09
CA VAL A 226 30.85 5.25 8.31
C VAL A 226 31.87 4.17 8.68
N SER A 227 32.64 4.40 9.74
CA SER A 227 33.57 3.38 10.23
C SER A 227 33.38 3.20 11.73
N MET A 228 34.14 2.27 12.30
CA MET A 228 34.13 2.09 13.74
C MET A 228 34.83 3.28 14.44
N TYR A 229 35.44 4.16 13.65
CA TYR A 229 36.25 5.26 14.19
C TYR A 229 35.51 6.60 14.19
N GLY A 230 34.42 6.66 13.42
CA GLY A 230 33.64 7.89 13.32
C GLY A 230 32.75 7.90 12.10
N PRO A 231 32.00 9.00 11.91
CA PRO A 231 31.95 10.17 12.79
C PRO A 231 31.16 9.86 14.07
N ASP A 232 31.22 10.74 15.07
CA ASP A 232 30.47 10.47 16.28
C ASP A 232 28.98 10.79 16.08
N ILE A 233 28.14 10.15 16.88
CA ILE A 233 26.68 10.30 16.85
C ILE A 233 26.24 11.77 16.90
N LYS A 234 26.94 12.57 17.72
CA LYS A 234 26.62 14.00 17.84
C LYS A 234 26.74 14.77 16.52
N GLN A 235 27.80 14.49 15.73
CA GLN A 235 28.00 15.10 14.42
C GLN A 235 26.88 14.74 13.46
N ILE A 236 26.56 13.46 13.45
CA ILE A 236 25.51 12.94 12.58
C ILE A 236 24.15 13.55 12.92
N ARG A 237 23.81 13.55 14.21
CA ARG A 237 22.56 14.16 14.67
C ARG A 237 22.44 15.60 14.19
N GLU A 238 23.55 16.33 14.32
CA GLU A 238 23.59 17.71 13.84
C GLU A 238 23.28 17.84 12.34
N ALA A 239 23.93 17.05 11.50
CA ALA A 239 23.67 17.06 10.06
C ALA A 239 22.22 16.66 9.74
N PHE A 240 21.71 15.64 10.43
CA PHE A 240 20.32 15.17 10.23
C PHE A 240 19.33 16.31 10.53
N ASN A 241 19.59 17.03 11.61
CA ASN A 241 18.74 18.15 12.00
C ASN A 241 18.74 19.26 10.97
N ARG A 242 19.90 19.52 10.37
CA ARG A 242 19.99 20.54 9.31
C ARG A 242 19.15 20.19 8.10
N ALA A 243 19.12 18.90 7.74
CA ALA A 243 18.29 18.40 6.64
C ALA A 243 16.81 18.52 6.96
N ALA A 244 16.41 18.09 8.15
CA ALA A 244 15.02 18.08 8.57
C ALA A 244 14.47 19.50 8.70
N ALA A 245 15.36 20.44 9.05
CA ALA A 245 14.99 21.85 9.19
C ALA A 245 14.59 22.50 7.87
N LEU A 246 15.01 21.91 6.74
CA LEU A 246 14.64 22.41 5.42
C LEU A 246 13.21 22.00 4.99
N GLY A 247 12.57 21.17 5.81
CA GLY A 247 11.23 20.66 5.50
C GLY A 247 11.20 19.41 4.64
N VAL A 248 12.38 18.85 4.34
CA VAL A 248 12.45 17.59 3.60
C VAL A 248 12.64 16.44 4.58
N HIS A 249 12.49 15.21 4.10
CA HIS A 249 12.76 14.05 4.93
C HIS A 249 14.22 13.62 4.78
N ILE A 250 14.62 12.68 5.62
CA ILE A 250 15.95 12.07 5.58
C ILE A 250 15.80 10.62 5.20
N GLN A 251 16.78 10.11 4.45
CA GLN A 251 16.89 8.68 4.23
C GLN A 251 18.34 8.31 4.49
N VAL A 252 18.56 7.15 5.12
CA VAL A 252 19.90 6.56 5.26
C VAL A 252 19.99 5.50 4.15
N THR A 253 20.84 5.73 3.16
CA THR A 253 20.72 4.96 1.91
C THR A 253 21.74 3.87 1.68
N GLU A 254 22.93 3.95 2.30
CA GLU A 254 24.01 3.01 1.96
C GLU A 254 24.81 2.67 3.20
N LEU A 255 24.10 2.43 4.30
CA LEU A 255 24.74 2.27 5.60
C LEU A 255 25.65 1.05 5.63
N ASP A 256 26.92 1.30 5.98
CA ASP A 256 27.86 0.24 6.31
C ASP A 256 28.88 0.82 7.28
N MET A 257 29.55 -0.07 8.02
CA MET A 257 30.46 0.38 9.06
C MET A 257 31.79 -0.35 8.97
N SER A 258 32.75 0.28 8.30
CA SER A 258 34.08 -0.31 8.09
C SER A 258 34.79 -0.56 9.41
N ILE A 259 35.57 -1.64 9.45
CA ILE A 259 36.43 -1.90 10.59
C ILE A 259 37.75 -1.09 10.53
N TYR A 260 37.99 -0.38 9.41
CA TYR A 260 39.23 0.41 9.21
C TYR A 260 38.88 1.91 9.20
N SER A 261 39.83 2.80 9.55
CA SER A 261 39.50 4.25 9.48
C SER A 261 39.64 4.84 8.07
N GLY A 262 40.56 4.30 7.29
CA GLY A 262 40.81 4.77 5.94
C GLY A 262 41.59 3.75 5.13
N ASN A 263 42.59 4.23 4.41
CA ASN A 263 43.33 3.41 3.46
C ASN A 263 44.74 3.01 3.89
N SER A 264 45.15 3.44 5.09
CA SER A 264 46.51 3.16 5.57
C SER A 264 46.65 1.85 6.35
N GLU A 265 45.58 1.40 7.00
CA GLU A 265 45.67 0.17 7.81
C GLU A 265 45.55 -1.10 6.98
N GLN A 266 46.48 -2.03 7.22
CA GLN A 266 46.51 -3.30 6.50
C GLN A 266 45.42 -4.20 7.04
N GLU A 267 45.07 -5.23 6.27
CA GLU A 267 44.05 -6.18 6.65
C GLU A 267 44.28 -6.71 8.06
N LYS A 268 43.21 -6.88 8.81
CA LYS A 268 43.28 -7.39 10.17
C LYS A 268 42.16 -8.41 10.45
N PRO A 269 42.44 -9.41 11.31
CA PRO A 269 41.41 -10.34 11.69
C PRO A 269 40.30 -9.70 12.53
N VAL A 270 39.09 -10.19 12.30
CA VAL A 270 37.91 -9.82 13.06
C VAL A 270 37.98 -10.55 14.41
N THR A 271 37.77 -9.81 15.50
CA THR A 271 37.74 -10.40 16.85
C THR A 271 36.37 -10.21 17.47
N ASP A 272 36.02 -10.99 18.49
CA ASP A 272 34.72 -10.76 19.12
C ASP A 272 34.69 -9.40 19.85
N GLU A 273 35.86 -8.89 20.23
CA GLU A 273 35.97 -7.54 20.81
C GLU A 273 35.62 -6.47 19.76
N MET A 274 36.14 -6.62 18.56
CA MET A 274 35.82 -5.71 17.47
C MET A 274 34.33 -5.77 17.13
N MET A 275 33.77 -6.97 17.13
CA MET A 275 32.36 -7.14 16.80
C MET A 275 31.44 -6.58 17.88
N LEU A 276 31.88 -6.64 19.13
CA LEU A 276 31.12 -6.06 20.23
C LEU A 276 31.09 -4.55 20.09
N GLU A 277 32.25 -3.96 19.82
CA GLU A 277 32.36 -2.52 19.61
C GLU A 277 31.52 -2.07 18.43
N GLN A 278 31.52 -2.84 17.35
CA GLN A 278 30.65 -2.57 16.20
C GLN A 278 29.18 -2.61 16.62
N ALA A 279 28.83 -3.58 17.48
CA ALA A 279 27.48 -3.66 18.00
C ALA A 279 27.06 -2.41 18.80
N TYR A 280 27.94 -1.91 19.68
CA TYR A 280 27.61 -0.69 20.42
C TYR A 280 27.35 0.47 19.45
N ARG A 281 28.18 0.57 18.43
CA ARG A 281 28.09 1.63 17.44
C ARG A 281 26.82 1.56 16.58
N TYR A 282 26.50 0.36 16.09
CA TYR A 282 25.23 0.15 15.37
C TYR A 282 24.01 0.44 16.26
N ARG A 283 24.06 0.00 17.52
CA ARG A 283 22.98 0.30 18.47
C ARG A 283 22.78 1.81 18.64
N ALA A 284 23.89 2.53 18.78
CA ALA A 284 23.82 3.99 18.91
C ALA A 284 23.23 4.62 17.65
N LEU A 285 23.62 4.12 16.48
CA LEU A 285 23.09 4.65 15.23
C LEU A 285 21.59 4.43 15.13
N PHE A 286 21.14 3.23 15.47
CA PHE A 286 19.71 2.93 15.40
C PHE A 286 18.91 3.67 16.46
N ASP A 287 19.52 3.96 17.62
CA ASP A 287 18.90 4.88 18.59
C ASP A 287 18.72 6.27 17.98
N LEU A 288 19.75 6.75 17.26
CA LEU A 288 19.66 8.03 16.57
C LEU A 288 18.57 8.00 15.50
N PHE A 289 18.47 6.90 14.76
CA PHE A 289 17.47 6.83 13.69
C PHE A 289 16.07 6.93 14.29
N LYS A 290 15.90 6.39 15.49
CA LYS A 290 14.60 6.40 16.19
C LYS A 290 14.16 7.82 16.54
N GLU A 291 15.11 8.65 16.98
CA GLU A 291 14.85 10.06 17.22
C GLU A 291 14.13 10.71 16.05
N PHE A 292 14.61 10.43 14.84
CA PHE A 292 14.05 11.05 13.64
C PHE A 292 12.79 10.34 13.14
N ASP A 293 12.74 9.04 13.34
CA ASP A 293 11.54 8.24 13.05
C ASP A 293 10.37 8.73 13.90
N ASP A 294 10.67 9.15 15.14
CA ASP A 294 9.64 9.63 16.09
C ASP A 294 9.10 10.98 15.64
N ARG A 295 9.86 11.67 14.80
CA ARG A 295 9.43 12.94 14.24
C ARG A 295 8.70 12.75 12.91
N GLY A 296 8.71 11.51 12.43
CA GLY A 296 8.07 11.17 11.15
C GLY A 296 8.87 11.60 9.94
N VAL A 297 10.17 11.83 10.11
CA VAL A 297 10.97 12.43 9.04
C VAL A 297 12.03 11.50 8.45
N MET A 298 12.11 10.28 8.97
CA MET A 298 12.96 9.23 8.39
C MET A 298 12.17 8.29 7.48
N ASP A 299 12.46 8.33 6.18
CA ASP A 299 11.70 7.51 5.21
C ASP A 299 12.13 6.06 5.17
N SER A 300 13.44 5.83 5.31
CA SER A 300 14.03 4.51 5.14
C SER A 300 15.48 4.47 5.62
N VAL A 301 15.91 3.27 6.01
CA VAL A 301 17.29 3.00 6.37
C VAL A 301 17.67 1.77 5.59
N THR A 302 18.69 1.87 4.74
CA THR A 302 19.12 0.74 3.91
C THR A 302 20.57 0.40 4.21
N LEU A 303 20.81 -0.88 4.51
CA LEU A 303 22.17 -1.43 4.66
C LEU A 303 22.79 -1.67 3.29
N TRP A 304 24.07 -1.31 3.11
CA TRP A 304 24.71 -1.47 1.80
C TRP A 304 25.28 -2.88 1.58
N GLY A 305 24.35 -3.84 1.60
CA GLY A 305 24.67 -5.25 1.49
C GLY A 305 23.91 -6.05 2.54
N LEU A 306 23.69 -7.32 2.26
CA LEU A 306 23.03 -8.20 3.22
C LEU A 306 23.97 -8.75 4.27
N ALA A 307 25.18 -9.11 3.84
CA ALA A 307 26.14 -9.82 4.68
C ALA A 307 27.57 -9.53 4.25
N ASP A 308 28.51 -9.82 5.14
CA ASP A 308 29.92 -9.53 4.88
C ASP A 308 30.55 -10.26 3.68
N ASP A 309 29.86 -11.27 3.13
CA ASP A 309 30.38 -11.95 1.94
C ASP A 309 30.12 -11.14 0.65
N GLY A 310 29.37 -10.05 0.76
CA GLY A 310 29.10 -9.20 -0.40
C GLY A 310 29.12 -7.73 0.00
N THR A 311 30.28 -7.26 0.40
CA THR A 311 30.45 -5.82 0.67
C THR A 311 31.45 -5.20 -0.32
N TRP A 312 31.08 -4.04 -0.86
CA TRP A 312 31.95 -3.32 -1.76
C TRP A 312 33.20 -2.84 -0.99
N LEU A 313 33.11 -2.84 0.34
CA LEU A 313 34.25 -2.39 1.17
C LEU A 313 35.42 -3.36 1.18
N ASP A 314 35.24 -4.53 0.59
CA ASP A 314 36.35 -5.46 0.38
C ASP A 314 37.31 -4.93 -0.68
N ASP A 315 36.89 -3.93 -1.45
CA ASP A 315 37.74 -3.39 -2.49
C ASP A 315 37.80 -1.87 -2.50
N PHE A 316 36.99 -1.23 -1.66
CA PHE A 316 37.10 0.22 -1.45
C PHE A 316 37.38 0.52 0.03
N PRO A 317 38.37 1.40 0.32
CA PRO A 317 39.25 2.12 -0.60
C PRO A 317 40.54 1.37 -0.93
N VAL A 318 40.64 0.13 -0.44
CA VAL A 318 41.85 -0.69 -0.62
C VAL A 318 41.46 -1.99 -1.31
N LYS A 319 41.99 -2.21 -2.51
CA LYS A 319 41.65 -3.40 -3.25
C LYS A 319 42.18 -4.61 -2.46
N GLY A 320 41.33 -5.62 -2.31
CA GLY A 320 41.75 -6.87 -1.68
C GLY A 320 41.82 -6.92 -0.17
N ARG A 321 41.34 -5.88 0.51
CA ARG A 321 41.38 -5.82 1.97
C ARG A 321 40.02 -6.23 2.53
N LYS A 322 39.97 -7.37 3.22
CA LYS A 322 38.69 -7.87 3.75
C LYS A 322 38.16 -7.04 4.92
N ASP A 323 36.91 -6.58 4.78
CA ASP A 323 36.22 -5.79 5.80
C ASP A 323 35.15 -6.63 6.51
N ALA A 324 34.45 -6.04 7.46
CA ALA A 324 33.35 -6.73 8.17
C ALA A 324 32.28 -5.72 8.56
N PRO A 325 31.61 -5.12 7.57
CA PRO A 325 30.85 -3.90 7.80
C PRO A 325 29.34 -4.02 8.07
N LEU A 326 28.77 -5.22 7.93
CA LEU A 326 27.30 -5.35 7.88
C LEU A 326 26.71 -6.16 9.04
N LEU A 327 25.43 -6.54 8.94
CA LEU A 327 24.74 -7.13 10.11
C LEU A 327 24.84 -8.66 10.18
N PHE A 328 25.22 -9.26 9.07
CA PHE A 328 25.39 -10.71 8.96
C PHE A 328 26.79 -11.01 8.44
N ASP A 329 27.39 -12.10 8.93
CA ASP A 329 28.78 -12.39 8.60
C ASP A 329 28.91 -13.09 7.25
N ARG A 330 30.10 -13.57 6.92
CA ARG A 330 30.36 -14.14 5.58
C ARG A 330 29.67 -15.49 5.35
N LYS A 331 29.28 -16.14 6.45
CA LYS A 331 28.52 -17.40 6.36
C LYS A 331 27.04 -17.16 6.66
N LEU A 332 26.63 -15.91 6.55
CA LEU A 332 25.23 -15.45 6.68
C LEU A 332 24.67 -15.56 8.10
N LYS A 333 25.57 -15.68 9.07
CA LYS A 333 25.19 -15.77 10.48
C LYS A 333 24.99 -14.36 11.06
N ALA A 334 23.97 -14.20 11.88
CA ALA A 334 23.68 -12.91 12.54
C ALA A 334 24.85 -12.51 13.45
N LYS A 335 25.29 -11.25 13.33
CA LYS A 335 26.44 -10.73 14.09
C LYS A 335 25.98 -10.07 15.38
N PRO A 336 26.91 -9.77 16.31
CA PRO A 336 26.51 -9.01 17.52
C PRO A 336 25.69 -7.75 17.23
N ALA A 337 26.05 -7.01 16.17
CA ALA A 337 25.29 -5.85 15.75
C ALA A 337 23.81 -6.16 15.48
N TYR A 338 23.54 -7.28 14.80
CA TYR A 338 22.15 -7.72 14.61
C TYR A 338 21.46 -7.98 15.96
N TRP A 339 22.14 -8.70 16.84
CA TRP A 339 21.57 -9.04 18.16
C TRP A 339 21.27 -7.84 19.04
N ALA A 340 22.10 -6.81 18.96
CA ALA A 340 21.81 -5.51 19.61
C ALA A 340 20.55 -4.80 19.08
N LEU A 341 20.20 -5.08 17.82
CA LEU A 341 19.03 -4.43 17.24
C LEU A 341 17.69 -5.10 17.62
N VAL A 342 17.67 -6.43 17.63
CA VAL A 342 16.42 -7.17 17.92
C VAL A 342 16.21 -7.45 19.41
N ASP A 343 17.30 -7.45 20.17
CA ASP A 343 17.25 -7.71 21.61
C ASP A 343 18.33 -6.88 22.28
N PRO A 344 18.02 -5.60 22.57
CA PRO A 344 19.02 -4.68 23.12
C PRO A 344 19.62 -5.17 24.43
N SER A 345 19.02 -6.18 25.06
CA SER A 345 19.57 -6.79 26.29
C SER A 345 20.77 -7.74 26.08
N THR A 346 21.01 -8.15 24.83
CA THR A 346 22.21 -8.91 24.49
C THR A 346 23.48 -8.05 24.59
N LEU A 347 23.30 -6.74 24.67
CA LEU A 347 24.40 -5.80 24.69
C LEU A 347 24.60 -5.30 26.13
N PRO A 348 25.74 -5.65 26.77
CA PRO A 348 25.80 -5.29 28.20
C PRO A 348 26.10 -3.80 28.42
N VAL A 349 25.18 -3.12 29.11
CA VAL A 349 25.31 -1.66 29.30
C VAL A 349 25.82 -1.30 30.70
N TYR A 350 26.37 -2.29 31.40
CA TYR A 350 27.03 -2.03 32.67
C TYR A 350 28.12 -3.08 32.92
N ARG A 351 29.01 -2.81 33.87
CA ARG A 351 29.97 -3.84 34.27
C ARG A 351 29.79 -4.17 35.76
N ASN A 352 30.55 -3.54 36.65
CA ASN A 352 30.43 -3.93 38.06
C ASN A 352 30.79 -2.82 39.05
N ASN B 1 -7.94 -7.82 8.22
CA ASN B 1 -8.62 -8.75 7.27
C ASN B 1 -10.01 -8.27 6.83
N ILE B 2 -10.66 -7.50 7.70
CA ILE B 2 -11.97 -6.90 7.40
C ILE B 2 -11.78 -5.75 6.38
N PRO B 3 -12.87 -5.35 5.69
CA PRO B 3 -12.75 -4.26 4.70
C PRO B 3 -12.30 -2.91 5.28
N ASP B 4 -11.68 -2.09 4.44
CA ASP B 4 -11.26 -0.75 4.83
C ASP B 4 -12.47 0.18 4.78
N LEU B 5 -12.84 0.76 5.92
CA LEU B 5 -14.08 1.54 6.04
C LEU B 5 -14.29 2.67 5.01
N ALA B 6 -13.35 3.60 4.92
CA ALA B 6 -13.51 4.77 4.03
C ALA B 6 -13.63 4.38 2.56
N LYS B 7 -12.87 3.36 2.18
CA LYS B 7 -12.90 2.87 0.81
C LYS B 7 -14.27 2.29 0.48
N LYS B 8 -14.79 1.45 1.39
CA LYS B 8 -16.08 0.79 1.21
C LYS B 8 -17.29 1.73 1.23
N LEU B 9 -17.15 2.90 1.84
CA LEU B 9 -18.23 3.91 1.85
C LEU B 9 -18.45 4.55 0.49
N GLY B 10 -17.42 4.54 -0.36
CA GLY B 10 -17.50 5.15 -1.69
C GLY B 10 -18.08 6.56 -1.69
N SER B 11 -17.50 7.42 -0.86
CA SER B 11 -17.93 8.82 -0.77
C SER B 11 -16.93 9.75 -1.42
N SER B 12 -17.39 10.95 -1.80
CA SER B 12 -16.48 12.02 -2.19
C SER B 12 -15.88 12.68 -0.96
N TYR B 13 -16.70 12.88 0.07
CA TYR B 13 -16.24 13.52 1.31
C TYR B 13 -15.16 12.67 1.97
N ALA B 14 -14.24 13.33 2.67
CA ALA B 14 -13.21 12.62 3.44
C ALA B 14 -13.80 12.00 4.72
N LEU B 15 -13.31 10.81 5.08
CA LEU B 15 -13.71 10.18 6.34
C LEU B 15 -12.58 10.26 7.35
N GLY B 16 -12.82 11.02 8.42
CA GLY B 16 -11.78 11.28 9.40
C GLY B 16 -11.98 10.64 10.75
N ALA B 17 -10.92 10.66 11.54
CA ALA B 17 -10.97 10.31 12.96
C ALA B 17 -10.15 11.29 13.78
N ALA B 18 -10.66 11.66 14.95
CA ALA B 18 -9.91 12.41 15.96
C ALA B 18 -9.00 11.52 16.77
N ILE B 19 -7.79 12.02 17.03
CA ILE B 19 -6.75 11.22 17.67
C ILE B 19 -6.01 12.00 18.74
N ASP B 20 -5.27 11.27 19.58
CA ASP B 20 -4.13 11.86 20.29
C ASP B 20 -2.84 11.32 19.66
N GLN B 21 -1.70 11.72 20.20
CA GLN B 21 -0.39 11.41 19.58
C GLN B 21 -0.07 9.93 19.47
N THR B 22 -0.67 9.10 20.32
CA THR B 22 -0.40 7.65 20.27
C THR B 22 -0.81 6.99 18.95
N ALA B 23 -1.77 7.60 18.25
CA ALA B 23 -2.20 7.08 16.96
C ALA B 23 -1.20 7.36 15.84
N LEU B 24 -0.16 8.13 16.15
CA LEU B 24 0.92 8.41 15.19
C LEU B 24 2.13 7.52 15.45
N ASP B 25 2.04 6.69 16.47
CA ASP B 25 3.13 5.79 16.91
C ASP B 25 3.02 4.44 16.19
N PRO B 26 4.10 4.02 15.48
CA PRO B 26 4.02 2.79 14.69
C PRO B 26 3.84 1.53 15.55
N LYS B 27 4.32 1.59 16.79
CA LYS B 27 4.23 0.47 17.73
C LYS B 27 2.87 0.39 18.43
N ASP B 28 2.00 1.38 18.19
CA ASP B 28 0.66 1.42 18.77
C ASP B 28 -0.36 0.85 17.79
N PRO B 29 -1.24 -0.07 18.25
CA PRO B 29 -2.23 -0.69 17.36
C PRO B 29 -3.30 0.29 16.85
N HIS B 30 -3.51 1.40 17.55
CA HIS B 30 -4.41 2.45 17.09
C HIS B 30 -3.96 3.05 15.76
N SER B 31 -2.64 3.14 15.58
CA SER B 31 -2.07 3.71 14.34
C SER B 31 -2.51 2.99 13.05
N GLU B 32 -2.34 1.66 13.02
CA GLU B 32 -2.76 0.88 11.86
C GLU B 32 -4.28 0.92 11.66
N LEU B 33 -5.03 1.04 12.76
CA LEU B 33 -6.49 1.19 12.70
C LEU B 33 -6.88 2.47 11.95
N LEU B 34 -6.25 3.59 12.34
CA LEU B 34 -6.43 4.88 11.68
C LEU B 34 -6.14 4.84 10.18
N THR B 35 -5.01 4.25 9.81
CA THR B 35 -4.59 4.28 8.41
C THR B 35 -5.34 3.25 7.57
N LYS B 36 -5.83 2.18 8.20
CA LYS B 36 -6.66 1.18 7.48
C LYS B 36 -8.01 1.77 7.04
N HIS B 37 -8.66 2.49 7.95
CA HIS B 37 -10.09 2.82 7.81
C HIS B 37 -10.43 4.26 7.46
N PHE B 38 -9.48 5.17 7.65
CA PHE B 38 -9.72 6.61 7.49
C PHE B 38 -8.78 7.29 6.52
N ASN B 39 -9.19 8.44 6.00
CA ASN B 39 -8.32 9.21 5.13
C ASN B 39 -8.22 10.69 5.52
N SER B 40 -8.59 10.98 6.76
CA SER B 40 -8.50 12.34 7.31
C SER B 40 -8.26 12.23 8.81
N ILE B 41 -7.58 13.23 9.37
CA ILE B 41 -7.20 13.19 10.78
C ILE B 41 -7.47 14.54 11.40
N THR B 42 -8.01 14.52 12.62
CA THR B 42 -8.16 15.72 13.44
C THR B 42 -7.49 15.49 14.77
N ALA B 43 -6.77 16.47 15.28
CA ALA B 43 -6.27 16.35 16.64
C ALA B 43 -7.41 16.63 17.63
N GLY B 44 -7.68 15.69 18.53
CA GLY B 44 -8.72 15.88 19.56
C GLY B 44 -8.41 17.07 20.47
N ASN B 45 -7.15 17.17 20.90
CA ASN B 45 -6.74 18.20 21.85
C ASN B 45 -5.40 18.87 21.55
N PHE B 46 -4.49 18.18 20.85
CA PHE B 46 -3.12 18.73 20.73
C PHE B 46 -2.95 19.91 19.78
N MET B 47 -4.03 20.34 19.12
CA MET B 47 -3.98 21.54 18.29
C MET B 47 -4.90 22.66 18.79
N LYS B 48 -5.43 22.50 20.00
CA LYS B 48 -6.16 23.57 20.68
C LYS B 48 -5.24 24.71 21.13
N MET B 49 -5.83 25.84 21.51
CA MET B 49 -5.02 27.03 21.79
C MET B 49 -3.97 26.85 22.88
N ASP B 50 -4.33 26.14 23.94
CA ASP B 50 -3.41 25.94 25.07
C ASP B 50 -2.28 24.99 24.71
N ALA B 51 -2.54 24.07 23.79
CA ALA B 51 -1.52 23.11 23.37
C ALA B 51 -0.53 23.73 22.40
N MET B 52 -0.99 24.72 21.62
CA MET B 52 -0.16 25.33 20.58
C MET B 52 0.59 26.57 21.03
N GLN B 53 0.00 27.33 21.97
CA GLN B 53 0.67 28.50 22.52
C GLN B 53 0.45 28.59 24.04
N PRO B 54 1.04 27.66 24.81
CA PRO B 54 0.82 27.56 26.25
C PRO B 54 1.19 28.84 27.02
N THR B 55 2.26 29.52 26.62
CA THR B 55 2.58 30.86 27.12
C THR B 55 2.81 31.80 25.96
N GLU B 56 2.70 33.10 26.21
CA GLU B 56 2.74 34.08 25.12
C GLU B 56 4.07 34.09 24.38
N GLY B 57 3.99 33.87 23.07
CA GLY B 57 5.16 33.92 22.19
C GLY B 57 5.92 32.63 22.11
N LYS B 58 5.54 31.66 22.74
CA LYS B 58 6.15 30.31 22.84
C LYS B 58 5.31 29.24 22.12
N PHE B 59 5.40 29.05 20.89
CA PHE B 59 4.57 28.09 20.18
C PHE B 59 5.14 26.68 20.29
N VAL B 60 4.25 25.68 20.35
CA VAL B 60 4.67 24.28 20.41
C VAL B 60 4.37 23.62 19.06
N TRP B 61 5.44 23.25 18.34
CA TRP B 61 5.27 22.74 16.97
C TRP B 61 5.38 21.23 16.85
N SER B 62 5.98 20.60 17.85
CA SER B 62 6.36 19.18 17.73
C SER B 62 5.20 18.20 17.44
N GLU B 63 4.03 18.44 18.03
CA GLU B 63 2.93 17.48 17.89
C GLU B 63 2.23 17.65 16.55
N ALA B 64 1.91 18.89 16.21
CA ALA B 64 1.30 19.18 14.91
C ALA B 64 2.28 18.83 13.77
N ASP B 65 3.57 19.13 13.96
CA ASP B 65 4.58 18.74 12.95
C ASP B 65 4.55 17.23 12.71
N LYS B 66 4.50 16.43 13.79
CA LYS B 66 4.45 14.98 13.63
C LYS B 66 3.17 14.57 12.90
N LEU B 67 2.06 15.24 13.24
CA LEU B 67 0.79 14.94 12.63
C LEU B 67 0.84 15.17 11.12
N VAL B 68 1.37 16.31 10.69
CA VAL B 68 1.38 16.61 9.25
C VAL B 68 2.33 15.70 8.46
N ASN B 69 3.45 15.32 9.06
CA ASN B 69 4.36 14.35 8.43
C ASN B 69 3.70 12.99 8.28
N PHE B 70 3.03 12.54 9.34
CA PHE B 70 2.33 11.25 9.32
C PHE B 70 1.22 11.24 8.27
N ALA B 71 0.46 12.33 8.21
CA ALA B 71 -0.69 12.42 7.30
C ALA B 71 -0.21 12.36 5.85
N ALA B 72 0.78 13.19 5.51
CA ALA B 72 1.33 13.23 4.15
C ALA B 72 1.89 11.86 3.76
N ALA B 73 2.62 11.23 4.68
CA ALA B 73 3.20 9.90 4.46
C ALA B 73 2.14 8.81 4.22
N ASN B 74 0.93 9.04 4.72
CA ASN B 74 -0.14 8.07 4.58
C ASN B 74 -1.28 8.55 3.67
N ASN B 75 -1.03 9.67 3.00
CA ASN B 75 -1.99 10.26 2.05
C ASN B 75 -3.34 10.54 2.68
N MET B 76 -3.28 11.24 3.81
CA MET B 76 -4.46 11.63 4.55
C MET B 76 -4.51 13.15 4.69
N GLN B 77 -5.71 13.71 4.65
CA GLN B 77 -5.93 15.12 4.92
C GLN B 77 -5.87 15.39 6.45
N VAL B 78 -5.70 16.66 6.82
CA VAL B 78 -5.70 17.05 8.24
C VAL B 78 -6.67 18.20 8.41
N ARG B 79 -7.53 18.12 9.43
CA ARG B 79 -8.34 19.25 9.87
C ARG B 79 -7.66 19.85 11.10
N GLY B 80 -7.49 21.17 11.12
CA GLY B 80 -6.94 21.86 12.29
C GLY B 80 -8.02 22.30 13.26
N HIS B 81 -7.99 21.72 14.45
CA HIS B 81 -8.97 21.99 15.49
C HIS B 81 -8.23 22.40 16.76
N THR B 82 -8.39 23.63 17.24
CA THR B 82 -9.20 24.69 16.65
C THR B 82 -8.46 25.99 16.97
N LEU B 83 -8.63 27.01 16.14
CA LEU B 83 -7.89 28.26 16.29
C LEU B 83 -8.44 29.22 17.33
N LEU B 84 -9.72 29.05 17.68
CA LEU B 84 -10.38 29.96 18.60
C LEU B 84 -11.48 29.22 19.33
N TRP B 85 -11.41 29.26 20.67
CA TRP B 85 -12.42 28.65 21.52
C TRP B 85 -12.41 29.36 22.87
N HIS B 86 -13.37 29.04 23.72
CA HIS B 86 -13.43 29.63 25.07
C HIS B 86 -13.11 28.59 26.15
N SER B 87 -12.76 27.38 25.72
CA SER B 87 -12.26 26.35 26.61
C SER B 87 -10.87 25.95 26.11
N GLN B 88 -10.08 25.32 26.99
CA GLN B 88 -8.71 24.89 26.64
C GLN B 88 -7.93 26.02 25.95
N VAL B 89 -7.99 27.19 26.58
CA VAL B 89 -7.32 28.40 26.10
C VAL B 89 -6.63 29.03 27.31
N PRO B 90 -5.34 29.42 27.18
CA PRO B 90 -4.65 29.92 28.37
C PRO B 90 -5.19 31.27 28.85
N ASP B 91 -5.23 31.47 30.16
CA ASP B 91 -5.68 32.73 30.77
C ASP B 91 -4.95 33.95 30.26
N TRP B 92 -3.66 33.81 29.92
CA TRP B 92 -2.86 34.96 29.48
C TRP B 92 -3.49 35.72 28.31
N PHE B 93 -4.24 35.02 27.46
CA PHE B 93 -4.94 35.69 26.32
C PHE B 93 -5.77 36.89 26.77
N PHE B 94 -6.41 36.74 27.92
CA PHE B 94 -7.51 37.63 28.29
C PHE B 94 -7.11 38.65 29.35
N THR B 95 -5.84 38.64 29.73
CA THR B 95 -5.36 39.58 30.75
C THR B 95 -4.33 40.58 30.21
N ASP B 96 -4.33 41.75 30.82
CA ASP B 96 -3.30 42.77 30.64
C ASP B 96 -1.93 42.12 30.90
N PRO B 97 -1.02 42.16 29.89
CA PRO B 97 0.26 41.45 30.02
C PRO B 97 1.11 41.92 31.20
N ASN B 98 0.83 43.12 31.69
CA ASN B 98 1.54 43.68 32.83
C ASN B 98 0.77 43.56 34.14
N ASP B 99 -0.53 43.32 34.04
CA ASP B 99 -1.35 43.19 35.23
C ASP B 99 -2.37 42.08 35.05
N PRO B 100 -2.02 40.88 35.55
CA PRO B 100 -2.90 39.72 35.44
C PRO B 100 -4.28 39.89 36.09
N SER B 101 -4.44 40.92 36.93
CA SER B 101 -5.73 41.20 37.57
C SER B 101 -6.62 42.14 36.74
N LYS B 102 -6.06 42.67 35.65
CA LYS B 102 -6.78 43.54 34.73
C LYS B 102 -7.05 42.81 33.42
N PRO B 103 -8.18 43.13 32.74
CA PRO B 103 -8.43 42.43 31.49
C PRO B 103 -7.59 42.99 30.35
N ALA B 104 -7.32 42.17 29.34
CA ALA B 104 -6.70 42.64 28.11
C ALA B 104 -7.61 43.63 27.41
N THR B 105 -6.99 44.52 26.64
CA THR B 105 -7.67 45.55 25.87
C THR B 105 -8.17 44.96 24.54
N ARG B 106 -9.14 45.62 23.91
CA ARG B 106 -9.59 45.25 22.57
C ARG B 106 -8.39 45.08 21.65
N GLU B 107 -7.49 46.05 21.67
CA GLU B 107 -6.35 46.04 20.75
C GLU B 107 -5.39 44.89 21.05
N GLN B 108 -5.17 44.63 22.34
CA GLN B 108 -4.29 43.55 22.77
C GLN B 108 -4.85 42.18 22.39
N LEU B 109 -6.15 41.98 22.63
CA LEU B 109 -6.77 40.71 22.29
C LEU B 109 -6.86 40.47 20.78
N MET B 110 -7.23 41.52 20.04
CA MET B 110 -7.19 41.48 18.56
C MET B 110 -5.83 41.04 18.02
N GLN B 111 -4.77 41.68 18.49
CA GLN B 111 -3.42 41.37 18.05
C GLN B 111 -3.00 39.94 18.44
N ARG B 112 -3.35 39.54 19.65
CA ARG B 112 -3.08 38.17 20.13
C ARG B 112 -3.76 37.11 19.29
N MET B 113 -5.02 37.37 18.94
CA MET B 113 -5.80 36.48 18.09
C MET B 113 -5.14 36.38 16.72
N LYS B 114 -4.75 37.54 16.18
CA LYS B 114 -4.07 37.62 14.89
C LYS B 114 -2.75 36.85 14.88
N THR B 115 -1.91 37.11 15.87
CA THR B 115 -0.63 36.39 15.98
C THR B 115 -0.82 34.88 16.13
N HIS B 116 -1.78 34.46 16.95
CA HIS B 116 -2.02 33.04 17.16
C HIS B 116 -2.45 32.36 15.85
N ILE B 117 -3.49 32.92 15.23
CA ILE B 117 -4.06 32.36 14.01
C ILE B 117 -3.02 32.35 12.91
N GLN B 118 -2.38 33.49 12.69
CA GLN B 118 -1.55 33.61 11.49
C GLN B 118 -0.25 32.82 11.58
N THR B 119 0.34 32.76 12.78
CA THR B 119 1.57 31.96 12.96
C THR B 119 1.30 30.49 12.68
N ILE B 120 0.18 29.99 13.19
CA ILE B 120 -0.12 28.56 13.04
C ILE B 120 -0.51 28.23 11.60
N VAL B 121 -1.47 28.97 11.09
CA VAL B 121 -1.95 28.78 9.71
C VAL B 121 -0.81 28.92 8.70
N SER B 122 0.05 29.92 8.87
CA SER B 122 1.17 30.10 7.94
C SER B 122 2.13 28.93 7.95
N ARG B 123 2.46 28.42 9.14
CA ARG B 123 3.35 27.27 9.23
C ARG B 123 2.80 26.07 8.48
N TYR B 124 1.48 25.88 8.53
CA TYR B 124 0.87 24.68 7.97
C TYR B 124 0.17 24.85 6.61
N LYS B 125 0.39 26.01 5.97
CA LYS B 125 0.03 26.20 4.56
C LYS B 125 0.31 24.96 3.72
N GLY B 126 -0.71 24.48 2.99
CA GLY B 126 -0.56 23.33 2.11
C GLY B 126 -0.34 22.01 2.81
N LYS B 127 -0.33 22.03 4.14
CA LYS B 127 -0.20 20.80 4.91
C LYS B 127 -1.48 20.51 5.66
N VAL B 128 -2.09 21.56 6.22
CA VAL B 128 -3.41 21.47 6.82
C VAL B 128 -4.42 22.15 5.90
N HIS B 129 -5.29 21.32 5.33
CA HIS B 129 -6.21 21.80 4.29
C HIS B 129 -7.41 22.55 4.87
N THR B 130 -7.76 22.26 6.11
CA THR B 130 -9.01 22.74 6.69
C THR B 130 -8.79 23.17 8.15
N TRP B 131 -9.40 24.29 8.53
CA TRP B 131 -9.36 24.77 9.92
C TRP B 131 -10.76 25.00 10.50
N ASP B 132 -10.95 24.55 11.74
CA ASP B 132 -12.03 25.06 12.58
C ASP B 132 -11.48 26.40 13.09
N VAL B 133 -11.87 27.48 12.40
CA VAL B 133 -11.35 28.81 12.71
C VAL B 133 -11.92 29.31 14.04
N VAL B 134 -13.23 29.15 14.22
CA VAL B 134 -13.86 29.39 15.53
C VAL B 134 -14.66 28.16 15.94
N ASN B 135 -14.70 27.90 17.25
CA ASN B 135 -15.42 26.75 17.77
C ASN B 135 -16.45 27.24 18.77
N GLU B 136 -17.71 26.82 18.59
CA GLU B 136 -18.75 27.00 19.62
C GLU B 136 -18.96 28.47 20.06
N VAL B 137 -19.13 29.37 19.10
CA VAL B 137 -19.26 30.79 19.46
C VAL B 137 -20.70 31.20 19.80
N ILE B 138 -21.66 30.31 19.60
CA ILE B 138 -23.08 30.62 19.85
C ILE B 138 -23.52 30.04 21.18
N SER B 139 -24.18 30.87 22.00
CA SER B 139 -24.72 30.39 23.27
C SER B 139 -25.92 29.45 23.07
N ASP B 140 -26.01 28.41 23.90
CA ASP B 140 -27.19 27.54 23.89
C ASP B 140 -28.43 28.27 24.36
N GLY B 141 -28.23 29.37 25.09
CA GLY B 141 -29.31 30.21 25.57
C GLY B 141 -29.73 31.31 24.63
N GLY B 142 -29.09 31.41 23.47
CA GLY B 142 -29.48 32.41 22.49
C GLY B 142 -28.43 33.48 22.38
N GLY B 143 -28.14 33.86 21.15
CA GLY B 143 -27.17 34.91 20.85
C GLY B 143 -25.75 34.40 20.87
N LEU B 144 -24.81 35.30 20.60
CA LEU B 144 -23.39 34.98 20.68
C LEU B 144 -22.97 34.82 22.14
N ARG B 145 -22.01 33.93 22.39
CA ARG B 145 -21.52 33.74 23.75
C ARG B 145 -20.91 35.03 24.31
N ASN B 146 -21.10 35.22 25.60
CA ASN B 146 -20.41 36.27 26.37
C ASN B 146 -19.97 35.68 27.70
N GLN B 147 -19.61 36.54 28.64
CA GLN B 147 -19.10 36.06 29.94
C GLN B 147 -20.06 35.11 30.68
N ALA B 148 -21.34 35.45 30.68
CA ALA B 148 -22.39 34.62 31.31
C ALA B 148 -22.51 33.24 30.68
N SER B 149 -22.07 33.11 29.42
CA SER B 149 -22.09 31.83 28.72
C SER B 149 -20.68 31.32 28.36
N GLY B 150 -19.69 31.75 29.15
CA GLY B 150 -18.40 31.07 29.19
C GLY B 150 -17.28 31.63 28.33
N SER B 151 -17.53 32.74 27.65
CA SER B 151 -16.56 33.28 26.69
C SER B 151 -16.22 34.75 26.98
N LYS B 152 -14.95 35.10 26.86
CA LYS B 152 -14.51 36.47 27.11
C LYS B 152 -14.25 37.27 25.82
N TRP B 153 -14.26 36.58 24.67
CA TRP B 153 -13.86 37.21 23.39
C TRP B 153 -14.70 38.43 23.03
N ARG B 154 -16.02 38.27 23.07
CA ARG B 154 -16.93 39.31 22.61
C ARG B 154 -16.98 40.51 23.55
N ASP B 155 -16.91 40.26 24.84
CA ASP B 155 -16.91 41.37 25.81
C ASP B 155 -15.65 42.22 25.70
N ILE B 156 -14.50 41.59 25.43
CA ILE B 156 -13.25 42.33 25.30
C ILE B 156 -13.11 43.06 23.95
N ILE B 157 -13.30 42.32 22.85
CA ILE B 157 -13.07 42.90 21.51
C ILE B 157 -14.24 43.81 21.10
N GLY B 158 -15.46 43.32 21.28
CA GLY B 158 -16.67 44.10 21.03
C GLY B 158 -16.90 44.54 19.61
N ASP B 159 -17.63 45.65 19.47
CA ASP B 159 -18.02 46.19 18.17
C ASP B 159 -16.92 47.11 17.66
N VAL B 160 -15.91 46.52 17.04
CA VAL B 160 -14.71 47.22 16.58
C VAL B 160 -15.00 48.33 15.58
N ASP B 161 -15.76 48.01 14.53
CA ASP B 161 -16.00 48.96 13.43
C ASP B 161 -17.11 49.98 13.75
N GLY B 162 -17.85 49.74 14.82
CA GLY B 162 -18.86 50.68 15.30
C GLY B 162 -20.21 50.57 14.61
N ASP B 163 -20.45 49.47 13.90
CA ASP B 163 -21.70 49.31 13.15
C ASP B 163 -22.89 48.82 14.00
N GLY B 164 -22.71 48.72 15.31
CA GLY B 164 -23.77 48.28 16.22
C GLY B 164 -23.91 46.77 16.36
N ASP B 165 -23.16 46.03 15.56
CA ASP B 165 -23.10 44.58 15.66
C ASP B 165 -21.74 44.19 16.23
N ASP B 166 -21.73 43.27 17.21
CA ASP B 166 -20.45 42.89 17.85
C ASP B 166 -19.97 41.46 17.53
N SER B 167 -20.28 40.99 16.32
CA SER B 167 -19.71 39.76 15.78
C SER B 167 -18.29 39.98 15.21
N ASP B 168 -17.71 41.17 15.43
CA ASP B 168 -16.42 41.53 14.83
C ASP B 168 -15.28 40.51 15.06
N TYR B 169 -15.17 39.99 16.28
CA TYR B 169 -14.04 39.08 16.56
C TYR B 169 -14.07 37.84 15.67
N ILE B 170 -15.29 37.37 15.36
CA ILE B 170 -15.47 36.19 14.53
C ILE B 170 -15.05 36.50 13.09
N GLU B 171 -15.51 37.64 12.58
CA GLU B 171 -15.14 38.11 11.23
C GLU B 171 -13.61 38.25 11.10
N LEU B 172 -13.01 38.87 12.11
CA LEU B 172 -11.57 39.05 12.15
C LEU B 172 -10.83 37.73 12.18
N ALA B 173 -11.32 36.77 12.95
CA ALA B 173 -10.69 35.44 12.99
C ALA B 173 -10.61 34.86 11.56
N PHE B 174 -11.71 34.89 10.83
CA PHE B 174 -11.75 34.33 9.49
C PHE B 174 -10.83 35.06 8.51
N ARG B 175 -10.87 36.40 8.57
CA ARG B 175 -10.01 37.24 7.72
C ARG B 175 -8.52 37.00 7.98
N TYR B 176 -8.14 36.90 9.25
CA TYR B 176 -6.76 36.62 9.62
C TYR B 176 -6.30 35.28 9.07
N ALA B 177 -7.17 34.27 9.19
CA ALA B 177 -6.86 32.93 8.67
C ALA B 177 -6.66 32.92 7.16
N ARG B 178 -7.55 33.61 6.45
CA ARG B 178 -7.53 33.65 4.98
C ARG B 178 -6.30 34.40 4.48
N GLU B 179 -5.91 35.46 5.18
CA GLU B 179 -4.68 36.17 4.85
C GLU B 179 -3.45 35.25 4.94
N ALA B 180 -3.43 34.37 5.94
CA ALA B 180 -2.28 33.48 6.13
C ALA B 180 -2.26 32.28 5.18
N ASP B 181 -3.43 31.87 4.69
CA ASP B 181 -3.54 30.75 3.75
C ASP B 181 -4.73 30.91 2.81
N PRO B 182 -4.46 31.25 1.53
CA PRO B 182 -5.52 31.51 0.55
C PRO B 182 -6.31 30.27 0.15
N ASP B 183 -5.71 29.09 0.32
CA ASP B 183 -6.29 27.84 -0.17
C ASP B 183 -7.02 27.02 0.89
N ALA B 184 -6.90 27.41 2.15
CA ALA B 184 -7.42 26.57 3.23
C ALA B 184 -8.93 26.70 3.37
N VAL B 185 -9.60 25.59 3.66
CA VAL B 185 -11.06 25.57 3.85
C VAL B 185 -11.33 26.06 5.27
N LEU B 186 -12.09 27.14 5.41
CA LEU B 186 -12.29 27.78 6.72
C LEU B 186 -13.68 27.49 7.28
N VAL B 187 -13.72 26.91 8.48
CA VAL B 187 -14.96 26.35 9.05
C VAL B 187 -15.34 27.04 10.36
N ILE B 188 -16.63 27.37 10.51
CA ILE B 188 -17.22 27.73 11.81
C ILE B 188 -17.90 26.48 12.38
N ASN B 189 -17.42 26.03 13.54
CA ASN B 189 -17.82 24.72 14.05
C ASN B 189 -18.74 24.89 15.26
N ASP B 190 -19.81 24.09 15.35
CA ASP B 190 -20.64 24.14 16.56
C ASP B 190 -21.41 22.86 16.83
N TYR B 191 -21.82 22.70 18.09
CA TYR B 191 -22.65 21.56 18.49
C TYR B 191 -24.12 21.98 18.63
N GLY B 192 -25.01 20.99 18.60
CA GLY B 192 -26.40 21.19 19.00
C GLY B 192 -27.25 21.74 17.88
N ILE B 193 -26.61 22.42 16.93
CA ILE B 193 -27.33 23.08 15.83
C ILE B 193 -28.08 22.12 14.90
N GLU B 194 -27.72 20.84 14.93
CA GLU B 194 -28.44 19.81 14.15
C GLU B 194 -29.83 19.46 14.71
N GLY B 195 -30.08 19.74 15.98
CA GLY B 195 -31.35 19.35 16.62
C GLY B 195 -32.02 20.47 17.41
N SER B 196 -31.45 21.66 17.34
CA SER B 196 -32.05 22.82 17.99
C SER B 196 -32.35 23.91 16.97
N VAL B 197 -33.65 24.16 16.76
CA VAL B 197 -34.05 25.20 15.81
C VAL B 197 -33.59 26.57 16.28
N SER B 198 -33.67 26.85 17.59
CA SER B 198 -33.29 28.16 18.08
C SER B 198 -31.78 28.38 17.92
N LYS B 199 -30.99 27.32 18.07
CA LYS B 199 -29.54 27.47 17.96
C LYS B 199 -29.15 27.60 16.48
N MET B 200 -29.78 26.82 15.62
CA MET B 200 -29.57 26.94 14.16
C MET B 200 -30.06 28.28 13.62
N ASN B 201 -31.16 28.82 14.18
CA ASN B 201 -31.61 30.17 13.84
C ASN B 201 -30.47 31.17 14.04
N ASP B 202 -29.79 31.05 15.17
CA ASP B 202 -28.64 31.88 15.47
C ASP B 202 -27.47 31.64 14.52
N MET B 203 -27.19 30.39 14.19
CA MET B 203 -26.09 30.08 13.26
C MET B 203 -26.34 30.68 11.88
N VAL B 204 -27.59 30.56 11.43
CA VAL B 204 -27.98 31.08 10.11
C VAL B 204 -27.86 32.60 10.08
N LYS B 205 -28.39 33.27 11.10
CA LYS B 205 -28.30 34.75 11.16
C LYS B 205 -26.86 35.22 11.20
N LEU B 206 -26.03 34.55 11.99
CA LEU B 206 -24.62 34.91 12.10
C LEU B 206 -23.87 34.73 10.78
N VAL B 207 -24.06 33.58 10.13
CA VAL B 207 -23.35 33.29 8.88
C VAL B 207 -23.87 34.16 7.72
N GLU B 208 -25.18 34.34 7.62
CA GLU B 208 -25.78 35.23 6.61
C GLU B 208 -25.13 36.60 6.67
N LYS B 209 -25.03 37.14 7.86
CA LYS B 209 -24.48 38.46 8.11
C LYS B 209 -22.99 38.53 7.77
N LEU B 210 -22.24 37.52 8.22
CA LEU B 210 -20.82 37.49 7.93
C LEU B 210 -20.54 37.33 6.43
N LEU B 211 -21.28 36.44 5.78
CA LEU B 211 -21.09 36.19 4.34
C LEU B 211 -21.32 37.44 3.50
N ALA B 212 -22.36 38.20 3.84
CA ALA B 212 -22.68 39.44 3.12
C ALA B 212 -21.53 40.42 3.21
N LYS B 213 -20.89 40.49 4.38
CA LYS B 213 -19.73 41.36 4.62
C LYS B 213 -18.45 40.89 3.93
N GLY B 214 -18.50 39.75 3.24
CA GLY B 214 -17.36 39.21 2.52
C GLY B 214 -16.46 38.31 3.37
N THR B 215 -16.97 37.89 4.53
CA THR B 215 -16.16 37.06 5.44
C THR B 215 -15.87 35.72 4.75
N PRO B 216 -14.59 35.29 4.75
CA PRO B 216 -14.27 34.06 4.04
C PRO B 216 -14.59 32.77 4.80
N ILE B 217 -15.88 32.48 4.94
CA ILE B 217 -16.37 31.22 5.53
C ILE B 217 -16.72 30.22 4.42
N ASP B 218 -16.09 29.06 4.47
CA ASP B 218 -16.32 28.04 3.46
C ASP B 218 -17.36 27.03 3.86
N ALA B 219 -17.45 26.72 5.16
CA ALA B 219 -18.34 25.65 5.61
C ALA B 219 -18.82 25.84 7.04
N ILE B 220 -19.98 25.27 7.34
CA ILE B 220 -20.47 25.17 8.72
C ILE B 220 -20.15 23.75 9.18
N GLY B 221 -19.48 23.66 10.33
CA GLY B 221 -19.16 22.38 10.91
C GLY B 221 -20.22 22.03 11.93
N PHE B 222 -20.81 20.84 11.79
CA PHE B 222 -21.76 20.30 12.76
C PHE B 222 -20.99 19.25 13.51
N GLN B 223 -20.79 19.49 14.81
CA GLN B 223 -20.08 18.50 15.62
C GLN B 223 -20.79 17.16 15.63
N MET B 224 -22.12 17.18 15.69
CA MET B 224 -22.93 15.95 15.70
C MET B 224 -22.63 15.04 16.90
N HIS B 225 -22.59 15.62 18.09
CA HIS B 225 -22.56 14.81 19.31
C HIS B 225 -23.98 14.35 19.58
N VAL B 226 -24.33 13.21 18.98
CA VAL B 226 -25.71 12.72 19.02
C VAL B 226 -25.82 11.56 20.01
N SER B 227 -27.02 11.02 20.18
CA SER B 227 -27.16 9.86 21.04
C SER B 227 -28.07 8.86 20.37
N MET B 228 -28.30 7.74 21.04
CA MET B 228 -29.22 6.73 20.55
C MET B 228 -30.68 7.16 20.72
N TYR B 229 -30.88 8.34 21.30
CA TYR B 229 -32.23 8.84 21.60
C TYR B 229 -32.64 10.02 20.71
N GLY B 230 -31.67 10.57 19.98
CA GLY B 230 -31.95 11.65 19.04
C GLY B 230 -30.70 12.43 18.71
N PRO B 231 -30.83 13.48 17.89
CA PRO B 231 -32.08 13.88 17.23
C PRO B 231 -32.42 12.95 16.06
N ASP B 232 -33.65 13.00 15.56
CA ASP B 232 -33.99 12.15 14.42
C ASP B 232 -33.44 12.70 13.12
N ILE B 233 -33.33 11.83 12.11
CA ILE B 233 -32.80 12.17 10.79
C ILE B 233 -33.53 13.36 10.18
N LYS B 234 -34.86 13.41 10.32
CA LYS B 234 -35.63 14.54 9.80
C LYS B 234 -35.13 15.90 10.32
N GLN B 235 -34.93 16.02 11.63
CA GLN B 235 -34.41 17.26 12.22
C GLN B 235 -33.05 17.64 11.66
N ILE B 236 -32.15 16.66 11.58
CA ILE B 236 -30.80 16.85 11.08
C ILE B 236 -30.83 17.29 9.60
N ARG B 237 -31.62 16.61 8.79
CA ARG B 237 -31.77 17.00 7.37
C ARG B 237 -32.19 18.46 7.23
N GLU B 238 -33.16 18.87 8.04
CA GLU B 238 -33.63 20.26 8.00
C GLU B 238 -32.52 21.26 8.31
N ALA B 239 -31.76 20.99 9.37
CA ALA B 239 -30.59 21.82 9.72
C ALA B 239 -29.53 21.84 8.61
N PHE B 240 -29.22 20.68 8.04
CA PHE B 240 -28.22 20.61 6.96
C PHE B 240 -28.66 21.44 5.75
N ASN B 241 -29.94 21.34 5.38
CA ASN B 241 -30.48 22.13 4.28
C ASN B 241 -30.42 23.62 4.51
N ARG B 242 -30.63 24.05 5.75
CA ARG B 242 -30.51 25.46 6.08
C ARG B 242 -29.08 25.96 5.87
N ALA B 243 -28.11 25.13 6.24
CA ALA B 243 -26.69 25.43 6.05
C ALA B 243 -26.35 25.47 4.56
N ALA B 244 -26.76 24.43 3.83
CA ALA B 244 -26.52 24.33 2.38
C ALA B 244 -27.12 25.51 1.61
N ALA B 245 -28.30 25.98 2.06
CA ALA B 245 -29.00 27.10 1.40
C ALA B 245 -28.21 28.40 1.45
N LEU B 246 -27.30 28.51 2.41
CA LEU B 246 -26.45 29.69 2.53
C LEU B 246 -25.31 29.74 1.49
N GLY B 247 -25.16 28.66 0.73
CA GLY B 247 -24.10 28.55 -0.28
C GLY B 247 -22.76 28.11 0.28
N VAL B 248 -22.75 27.71 1.55
CA VAL B 248 -21.55 27.12 2.13
C VAL B 248 -21.68 25.61 2.13
N HIS B 249 -20.58 24.92 2.40
CA HIS B 249 -20.61 23.48 2.54
C HIS B 249 -20.87 23.08 3.98
N ILE B 250 -21.06 21.79 4.21
CA ILE B 250 -21.27 21.21 5.51
C ILE B 250 -20.11 20.28 5.80
N GLN B 251 -19.73 20.23 7.08
CA GLN B 251 -18.81 19.22 7.55
C GLN B 251 -19.41 18.67 8.83
N VAL B 252 -19.28 17.36 9.00
CA VAL B 252 -19.60 16.67 10.26
C VAL B 252 -18.25 16.43 10.95
N THR B 253 -18.04 17.08 12.09
CA THR B 253 -16.67 17.25 12.62
C THR B 253 -16.29 16.42 13.84
N GLU B 254 -17.29 16.00 14.61
CA GLU B 254 -17.06 15.38 15.92
C GLU B 254 -18.09 14.28 16.21
N LEU B 255 -18.38 13.48 15.19
CA LEU B 255 -19.47 12.51 15.23
C LEU B 255 -19.24 11.42 16.27
N ASP B 256 -20.19 11.28 17.18
CA ASP B 256 -20.23 10.13 18.08
C ASP B 256 -21.68 9.93 18.54
N MET B 257 -21.98 8.73 19.06
CA MET B 257 -23.35 8.41 19.40
C MET B 257 -23.43 7.77 20.79
N SER B 258 -23.70 8.60 21.79
CA SER B 258 -23.76 8.13 23.18
C SER B 258 -24.87 7.10 23.36
N ILE B 259 -24.67 6.15 24.27
CA ILE B 259 -25.70 5.18 24.60
C ILE B 259 -26.64 5.72 25.69
N TYR B 260 -26.35 6.92 26.20
CA TYR B 260 -27.15 7.53 27.28
C TYR B 260 -27.99 8.70 26.76
N SER B 261 -29.15 8.92 27.38
CA SER B 261 -30.05 10.03 27.03
C SER B 261 -29.67 11.33 27.73
N GLY B 262 -29.11 11.23 28.93
CA GLY B 262 -28.70 12.40 29.70
C GLY B 262 -27.75 12.11 30.84
N ASN B 263 -27.38 13.18 31.55
CA ASN B 263 -26.43 13.10 32.66
C ASN B 263 -26.96 12.40 33.91
N SER B 264 -28.23 12.00 33.88
CA SER B 264 -28.87 11.39 35.03
C SER B 264 -28.85 9.87 35.01
N GLU B 265 -28.80 9.27 33.82
CA GLU B 265 -28.76 7.81 33.71
C GLU B 265 -27.42 7.23 34.21
N GLN B 266 -27.52 6.17 35.01
CA GLN B 266 -26.34 5.55 35.59
C GLN B 266 -25.66 4.63 34.57
N GLU B 267 -24.39 4.33 34.79
CA GLU B 267 -23.65 3.44 33.89
C GLU B 267 -24.45 2.17 33.63
N LYS B 268 -24.44 1.71 32.39
CA LYS B 268 -25.15 0.49 32.01
C LYS B 268 -24.28 -0.40 31.12
N PRO B 269 -24.43 -1.72 31.26
CA PRO B 269 -23.67 -2.59 30.36
C PRO B 269 -24.12 -2.41 28.92
N VAL B 270 -23.20 -2.61 28.00
CA VAL B 270 -23.51 -2.67 26.58
C VAL B 270 -24.16 -4.03 26.36
N THR B 271 -25.23 -4.05 25.58
CA THR B 271 -25.92 -5.29 25.22
C THR B 271 -25.93 -5.44 23.70
N ASP B 272 -26.19 -6.64 23.23
CA ASP B 272 -26.30 -6.92 21.79
C ASP B 272 -27.43 -6.14 21.12
N GLU B 273 -28.55 -5.96 21.83
CA GLU B 273 -29.66 -5.24 21.25
C GLU B 273 -29.31 -3.75 21.06
N MET B 274 -28.61 -3.20 22.05
CA MET B 274 -28.15 -1.81 22.01
C MET B 274 -27.24 -1.55 20.80
N MET B 275 -26.32 -2.47 20.54
CA MET B 275 -25.38 -2.31 19.42
C MET B 275 -26.04 -2.47 18.06
N LEU B 276 -27.09 -3.28 18.00
CA LEU B 276 -27.90 -3.39 16.79
C LEU B 276 -28.63 -2.07 16.50
N GLU B 277 -29.25 -1.51 17.52
CA GLU B 277 -29.95 -0.24 17.36
C GLU B 277 -28.97 0.88 16.98
N GLN B 278 -27.78 0.86 17.58
CA GLN B 278 -26.75 1.82 17.22
C GLN B 278 -26.41 1.70 15.73
N ALA B 279 -26.38 0.45 15.24
CA ALA B 279 -26.08 0.21 13.83
C ALA B 279 -27.15 0.79 12.92
N TYR B 280 -28.44 0.63 13.27
CA TYR B 280 -29.50 1.21 12.46
C TYR B 280 -29.36 2.74 12.41
N ARG B 281 -29.06 3.34 13.56
CA ARG B 281 -28.93 4.78 13.67
C ARG B 281 -27.73 5.32 12.87
N TYR B 282 -26.57 4.66 12.98
CA TYR B 282 -25.41 5.05 12.18
C TYR B 282 -25.65 4.83 10.69
N ARG B 283 -26.24 3.70 10.32
CA ARG B 283 -26.61 3.46 8.94
C ARG B 283 -27.51 4.59 8.41
N ALA B 284 -28.49 5.03 9.21
CA ALA B 284 -29.36 6.11 8.78
C ALA B 284 -28.60 7.43 8.58
N LEU B 285 -27.65 7.71 9.47
CA LEU B 285 -26.87 8.95 9.38
C LEU B 285 -26.01 8.98 8.12
N PHE B 286 -25.36 7.86 7.83
CA PHE B 286 -24.50 7.78 6.65
C PHE B 286 -25.33 7.79 5.36
N ASP B 287 -26.53 7.21 5.42
CA ASP B 287 -27.49 7.39 4.33
C ASP B 287 -27.78 8.87 4.14
N LEU B 288 -28.01 9.60 5.24
CA LEU B 288 -28.20 11.06 5.17
C LEU B 288 -26.98 11.82 4.65
N PHE B 289 -25.79 11.44 5.11
CA PHE B 289 -24.55 12.07 4.62
C PHE B 289 -24.42 11.84 3.11
N LYS B 290 -24.85 10.67 2.64
CA LYS B 290 -24.75 10.33 1.22
C LYS B 290 -25.62 11.29 0.40
N GLU B 291 -26.81 11.62 0.90
CA GLU B 291 -27.68 12.60 0.25
C GLU B 291 -26.93 13.88 -0.04
N PHE B 292 -26.21 14.38 0.97
CA PHE B 292 -25.50 15.65 0.83
C PHE B 292 -24.17 15.48 0.08
N ASP B 293 -23.59 14.28 0.16
CA ASP B 293 -22.39 13.92 -0.63
C ASP B 293 -22.70 13.90 -2.12
N ASP B 294 -23.86 13.35 -2.46
CA ASP B 294 -24.34 13.35 -3.85
C ASP B 294 -24.54 14.77 -4.36
N ARG B 295 -24.97 15.68 -3.49
CA ARG B 295 -25.17 17.10 -3.81
C ARG B 295 -23.86 17.92 -3.85
N GLY B 296 -22.75 17.27 -3.47
CA GLY B 296 -21.42 17.88 -3.53
C GLY B 296 -21.13 18.92 -2.48
N VAL B 297 -21.92 18.94 -1.41
CA VAL B 297 -21.77 19.96 -0.37
C VAL B 297 -21.22 19.43 0.97
N MET B 298 -21.01 18.12 1.07
CA MET B 298 -20.38 17.52 2.26
C MET B 298 -18.86 17.40 2.04
N ASP B 299 -18.07 18.17 2.79
CA ASP B 299 -16.60 18.10 2.70
C ASP B 299 -15.94 16.90 3.39
N SER B 300 -16.42 16.56 4.59
CA SER B 300 -15.79 15.53 5.40
C SER B 300 -16.74 15.12 6.49
N VAL B 301 -16.58 13.88 6.95
CA VAL B 301 -17.27 13.34 8.11
C VAL B 301 -16.20 12.75 9.01
N THR B 302 -16.08 13.27 10.23
CA THR B 302 -15.06 12.83 11.17
C THR B 302 -15.69 12.23 12.42
N LEU B 303 -15.35 10.98 12.73
CA LEU B 303 -15.68 10.35 14.01
C LEU B 303 -14.79 10.92 15.13
N TRP B 304 -15.42 11.28 16.25
CA TRP B 304 -14.66 11.85 17.37
C TRP B 304 -14.01 10.76 18.21
N GLY B 305 -13.13 9.99 17.57
CA GLY B 305 -12.36 8.94 18.21
C GLY B 305 -12.31 7.73 17.29
N LEU B 306 -11.31 6.89 17.49
CA LEU B 306 -11.17 5.66 16.70
C LEU B 306 -12.00 4.50 17.24
N ALA B 307 -12.02 4.38 18.56
CA ALA B 307 -12.62 3.23 19.23
C ALA B 307 -13.06 3.60 20.64
N ASP B 308 -13.99 2.81 21.18
CA ASP B 308 -14.56 3.05 22.51
C ASP B 308 -13.56 3.05 23.69
N ASP B 309 -12.33 2.59 23.46
CA ASP B 309 -11.30 2.71 24.50
C ASP B 309 -10.71 4.12 24.57
N GLY B 310 -11.12 5.01 23.65
CA GLY B 310 -10.64 6.39 23.64
C GLY B 310 -11.74 7.37 23.25
N THR B 311 -12.79 7.45 24.07
CA THR B 311 -13.86 8.43 23.86
C THR B 311 -13.92 9.45 25.00
N TRP B 312 -14.05 10.72 24.64
CA TRP B 312 -14.23 11.77 25.64
C TRP B 312 -15.55 11.59 26.43
N LEU B 313 -16.45 10.75 25.89
CA LEU B 313 -17.75 10.50 26.50
C LEU B 313 -17.70 9.63 27.75
N ASP B 314 -16.56 9.00 27.99
CA ASP B 314 -16.32 8.30 29.26
C ASP B 314 -16.26 9.30 30.43
N ASP B 315 -16.07 10.58 30.13
CA ASP B 315 -16.01 11.59 31.19
C ASP B 315 -16.90 12.81 30.98
N PHE B 316 -17.53 12.89 29.81
CA PHE B 316 -18.53 13.93 29.55
C PHE B 316 -19.87 13.30 29.15
N PRO B 317 -20.98 13.75 29.75
CA PRO B 317 -21.10 14.77 30.78
C PRO B 317 -20.96 14.21 32.20
N VAL B 318 -20.76 12.90 32.34
CA VAL B 318 -20.59 12.31 33.67
C VAL B 318 -19.22 11.68 33.83
N LYS B 319 -18.45 12.22 34.77
CA LYS B 319 -17.11 11.76 35.03
C LYS B 319 -17.13 10.30 35.47
N GLY B 320 -16.46 9.44 34.71
CA GLY B 320 -16.32 8.03 35.04
C GLY B 320 -17.47 7.11 34.67
N ARG B 321 -18.26 7.49 33.65
CA ARG B 321 -19.35 6.64 33.16
C ARG B 321 -18.98 6.07 31.80
N LYS B 322 -18.83 4.75 31.71
CA LYS B 322 -18.39 4.15 30.44
C LYS B 322 -19.47 4.19 29.35
N ASP B 323 -19.08 4.75 28.21
CA ASP B 323 -19.96 4.90 27.07
C ASP B 323 -19.51 3.94 25.96
N ALA B 324 -20.22 3.93 24.83
CA ALA B 324 -19.88 3.05 23.68
C ALA B 324 -20.28 3.72 22.36
N PRO B 325 -19.60 4.82 22.00
CA PRO B 325 -20.16 5.71 21.01
C PRO B 325 -19.62 5.60 19.58
N LEU B 326 -18.59 4.79 19.36
CA LEU B 326 -17.89 4.82 18.08
C LEU B 326 -18.01 3.54 17.29
N LEU B 327 -17.20 3.40 16.24
CA LEU B 327 -17.33 2.29 15.29
C LEU B 327 -16.53 1.03 15.67
N PHE B 328 -15.54 1.17 16.53
CA PHE B 328 -14.79 0.03 17.04
C PHE B 328 -14.86 -0.03 18.55
N ASP B 329 -14.88 -1.23 19.10
CA ASP B 329 -15.04 -1.41 20.54
C ASP B 329 -13.73 -1.24 21.30
N ARG B 330 -13.76 -1.51 22.61
CA ARG B 330 -12.60 -1.22 23.47
C ARG B 330 -11.39 -2.12 23.19
N LYS B 331 -11.63 -3.25 22.53
CA LYS B 331 -10.56 -4.14 22.12
C LYS B 331 -10.23 -3.94 20.63
N LEU B 332 -10.68 -2.82 20.09
CA LEU B 332 -10.44 -2.42 18.69
C LEU B 332 -11.18 -3.28 17.66
N LYS B 333 -12.08 -4.13 18.14
CA LYS B 333 -12.88 -5.00 17.28
C LYS B 333 -14.02 -4.18 16.67
N ALA B 334 -14.27 -4.41 15.38
CA ALA B 334 -15.33 -3.70 14.66
C ALA B 334 -16.72 -4.01 15.21
N LYS B 335 -17.49 -2.96 15.44
CA LYS B 335 -18.83 -3.08 16.05
C LYS B 335 -19.93 -3.27 15.00
N PRO B 336 -21.15 -3.65 15.44
CA PRO B 336 -22.21 -3.78 14.43
C PRO B 336 -22.41 -2.54 13.54
N ALA B 337 -22.21 -1.33 14.07
CA ALA B 337 -22.29 -0.12 13.27
C ALA B 337 -21.31 -0.06 12.11
N TYR B 338 -20.07 -0.49 12.33
CA TYR B 338 -19.08 -0.62 11.24
C TYR B 338 -19.59 -1.60 10.16
N TRP B 339 -20.04 -2.77 10.58
CA TRP B 339 -20.48 -3.82 9.65
C TRP B 339 -21.67 -3.40 8.81
N ALA B 340 -22.56 -2.62 9.40
CA ALA B 340 -23.69 -2.03 8.67
C ALA B 340 -23.21 -1.03 7.63
N LEU B 341 -22.05 -0.42 7.87
CA LEU B 341 -21.50 0.53 6.92
C LEU B 341 -20.75 -0.11 5.75
N VAL B 342 -19.99 -1.20 6.01
CA VAL B 342 -19.21 -1.87 4.95
C VAL B 342 -19.95 -3.01 4.23
N ASP B 343 -20.99 -3.55 4.87
CA ASP B 343 -21.77 -4.65 4.31
C ASP B 343 -23.20 -4.53 4.84
N PRO B 344 -24.02 -3.67 4.20
CA PRO B 344 -25.39 -3.42 4.68
C PRO B 344 -26.19 -4.70 4.89
N SER B 345 -25.90 -5.74 4.10
CA SER B 345 -26.58 -7.03 4.23
C SER B 345 -26.53 -7.59 5.66
N THR B 346 -25.55 -7.16 6.46
CA THR B 346 -25.46 -7.60 7.87
C THR B 346 -26.54 -6.95 8.75
N LEU B 347 -27.20 -5.94 8.21
CA LEU B 347 -28.22 -5.20 8.94
C LEU B 347 -29.58 -5.40 8.27
N PRO B 348 -30.37 -6.36 8.78
CA PRO B 348 -31.59 -6.76 8.07
C PRO B 348 -32.67 -5.66 7.99
N VAL B 349 -33.17 -5.40 6.79
CA VAL B 349 -34.19 -4.34 6.61
C VAL B 349 -35.60 -4.91 6.46
N TYR B 350 -35.77 -6.18 6.86
CA TYR B 350 -37.08 -6.79 6.90
C TYR B 350 -37.11 -7.91 7.92
N ARG B 351 -38.31 -8.37 8.28
CA ARG B 351 -38.42 -9.55 9.14
C ARG B 351 -39.22 -10.64 8.45
N ASN B 352 -40.53 -10.72 8.65
CA ASN B 352 -41.27 -11.82 8.01
C ASN B 352 -42.74 -11.53 7.74
N ASN C 1 10.28 -41.34 0.65
CA ASN C 1 11.70 -41.80 0.58
C ASN C 1 12.45 -41.40 -0.70
N ILE C 2 11.70 -41.18 -1.78
CA ILE C 2 12.25 -40.64 -3.03
C ILE C 2 12.30 -39.13 -2.85
N PRO C 3 13.03 -38.40 -3.71
CA PRO C 3 13.04 -36.96 -3.49
C PRO C 3 11.64 -36.32 -3.45
N ASP C 4 11.50 -35.29 -2.62
CA ASP C 4 10.25 -34.54 -2.59
C ASP C 4 10.23 -33.59 -3.79
N LEU C 5 9.24 -33.79 -4.67
CA LEU C 5 9.21 -33.13 -5.98
C LEU C 5 9.38 -31.61 -5.97
N ALA C 6 8.55 -30.90 -5.20
CA ALA C 6 8.56 -29.43 -5.19
C ALA C 6 9.89 -28.80 -4.75
N LYS C 7 10.43 -29.28 -3.62
CA LYS C 7 11.69 -28.79 -3.08
C LYS C 7 12.80 -28.90 -4.11
N LYS C 8 12.83 -30.06 -4.78
CA LYS C 8 13.85 -30.37 -5.77
C LYS C 8 13.91 -29.41 -6.97
N LEU C 9 12.77 -28.84 -7.37
CA LEU C 9 12.75 -27.91 -8.51
C LEU C 9 13.38 -26.55 -8.16
N GLY C 10 13.33 -26.19 -6.87
CA GLY C 10 13.88 -24.92 -6.38
C GLY C 10 13.30 -23.74 -7.15
N SER C 11 11.98 -23.73 -7.27
CA SER C 11 11.28 -22.73 -8.06
C SER C 11 10.68 -21.65 -7.19
N SER C 12 10.58 -20.44 -7.72
CA SER C 12 9.81 -19.37 -7.10
C SER C 12 8.30 -19.72 -7.14
N TYR C 13 7.88 -20.38 -8.22
CA TYR C 13 6.49 -20.78 -8.35
C TYR C 13 6.09 -21.95 -7.43
N ALA C 14 4.83 -21.95 -7.01
CA ALA C 14 4.28 -23.07 -6.24
C ALA C 14 3.99 -24.27 -7.13
N LEU C 15 4.15 -25.46 -6.60
CA LEU C 15 3.84 -26.67 -7.34
C LEU C 15 2.59 -27.33 -6.74
N GLY C 16 1.51 -27.35 -7.51
CA GLY C 16 0.23 -27.80 -7.03
C GLY C 16 -0.26 -29.09 -7.66
N ALA C 17 -1.25 -29.69 -7.00
CA ALA C 17 -1.97 -30.85 -7.53
C ALA C 17 -3.46 -30.71 -7.29
N ALA C 18 -4.24 -31.08 -8.31
CA ALA C 18 -5.69 -31.11 -8.21
C ALA C 18 -6.13 -32.39 -7.53
N ILE C 19 -7.14 -32.29 -6.67
CA ILE C 19 -7.56 -33.45 -5.84
C ILE C 19 -9.07 -33.55 -5.66
N ASP C 20 -9.53 -34.71 -5.19
CA ASP C 20 -10.82 -34.80 -4.48
C ASP C 20 -10.59 -34.98 -2.97
N GLN C 21 -11.66 -35.23 -2.21
CA GLN C 21 -11.58 -35.20 -0.73
C GLN C 21 -10.78 -36.35 -0.14
N THR C 22 -10.66 -37.45 -0.89
CA THR C 22 -9.86 -38.59 -0.48
C THR C 22 -8.40 -38.20 -0.14
N ALA C 23 -7.88 -37.19 -0.83
CA ALA C 23 -6.52 -36.72 -0.59
C ALA C 23 -6.39 -35.86 0.68
N LEU C 24 -7.53 -35.56 1.30
CA LEU C 24 -7.55 -34.83 2.57
C LEU C 24 -7.60 -35.77 3.80
N ASP C 25 -7.58 -37.06 3.55
CA ASP C 25 -7.52 -38.07 4.62
C ASP C 25 -6.09 -38.59 4.77
N PRO C 26 -5.39 -38.16 5.84
CA PRO C 26 -3.98 -38.56 6.06
C PRO C 26 -3.71 -40.07 6.04
N LYS C 27 -4.72 -40.88 6.35
CA LYS C 27 -4.62 -42.34 6.28
C LYS C 27 -4.57 -42.87 4.85
N ASP C 28 -5.19 -42.12 3.93
CA ASP C 28 -5.24 -42.50 2.52
C ASP C 28 -3.90 -42.18 1.82
N PRO C 29 -3.35 -43.15 1.06
CA PRO C 29 -2.02 -43.02 0.46
C PRO C 29 -1.87 -41.80 -0.47
N HIS C 30 -2.96 -41.37 -1.10
CA HIS C 30 -2.95 -40.18 -1.96
C HIS C 30 -2.64 -38.92 -1.16
N SER C 31 -3.04 -38.91 0.13
CA SER C 31 -2.83 -37.75 0.98
C SER C 31 -1.36 -37.48 1.28
N GLU C 32 -0.62 -38.55 1.59
CA GLU C 32 0.81 -38.42 1.87
C GLU C 32 1.60 -38.11 0.60
N LEU C 33 1.11 -38.61 -0.54
CA LEU C 33 1.67 -38.29 -1.85
C LEU C 33 1.58 -36.79 -2.11
N LEU C 34 0.40 -36.22 -1.84
CA LEU C 34 0.16 -34.79 -1.93
C LEU C 34 1.13 -33.96 -1.08
N THR C 35 1.22 -34.29 0.20
CA THR C 35 2.02 -33.50 1.14
C THR C 35 3.52 -33.70 0.98
N LYS C 36 3.93 -34.87 0.50
CA LYS C 36 5.34 -35.14 0.21
C LYS C 36 5.85 -34.30 -0.98
N HIS C 37 5.04 -34.22 -2.04
CA HIS C 37 5.56 -33.75 -3.32
C HIS C 37 5.12 -32.37 -3.74
N PHE C 38 4.04 -31.86 -3.16
CA PHE C 38 3.45 -30.59 -3.59
C PHE C 38 3.31 -29.62 -2.43
N ASN C 39 3.17 -28.35 -2.76
CA ASN C 39 2.96 -27.31 -1.77
C ASN C 39 1.79 -26.39 -2.11
N SER C 40 0.97 -26.82 -3.06
CA SER C 40 -0.25 -26.12 -3.42
C SER C 40 -1.35 -27.13 -3.73
N ILE C 41 -2.60 -26.75 -3.46
CA ILE C 41 -3.73 -27.65 -3.68
C ILE C 41 -4.82 -26.95 -4.47
N THR C 42 -5.44 -27.68 -5.40
CA THR C 42 -6.65 -27.24 -6.09
C THR C 42 -7.71 -28.33 -5.96
N ALA C 43 -8.96 -27.92 -5.68
CA ALA C 43 -10.09 -28.85 -5.75
C ALA C 43 -10.45 -29.04 -7.21
N GLY C 44 -10.43 -30.29 -7.66
CA GLY C 44 -10.81 -30.58 -9.04
C GLY C 44 -12.26 -30.26 -9.35
N ASN C 45 -13.14 -30.55 -8.39
CA ASN C 45 -14.57 -30.41 -8.58
C ASN C 45 -15.36 -29.81 -7.40
N PHE C 46 -14.90 -30.05 -6.18
CA PHE C 46 -15.70 -29.68 -5.00
C PHE C 46 -15.70 -28.19 -4.66
N MET C 47 -14.97 -27.38 -5.42
CA MET C 47 -15.12 -25.93 -5.27
C MET C 47 -15.75 -25.23 -6.47
N LYS C 48 -16.29 -26.03 -7.39
CA LYS C 48 -17.05 -25.48 -8.51
C LYS C 48 -18.42 -24.98 -8.07
N MET C 49 -19.07 -24.23 -8.93
CA MET C 49 -20.28 -23.49 -8.56
C MET C 49 -21.39 -24.39 -8.02
N ASP C 50 -21.57 -25.55 -8.64
CA ASP C 50 -22.64 -26.45 -8.24
C ASP C 50 -22.36 -27.17 -6.92
N ALA C 51 -21.09 -27.36 -6.59
CA ALA C 51 -20.71 -27.94 -5.31
C ALA C 51 -20.78 -26.94 -4.16
N MET C 52 -20.59 -25.65 -4.45
CA MET C 52 -20.53 -24.62 -3.40
C MET C 52 -21.89 -23.99 -3.10
N GLN C 53 -22.74 -23.88 -4.11
CA GLN C 53 -24.10 -23.35 -3.92
C GLN C 53 -25.14 -24.13 -4.72
N PRO C 54 -25.40 -25.39 -4.32
CA PRO C 54 -26.28 -26.26 -5.10
C PRO C 54 -27.68 -25.70 -5.30
N THR C 55 -28.23 -25.05 -4.27
CA THR C 55 -29.53 -24.37 -4.37
C THR C 55 -29.33 -22.92 -3.88
N GLU C 56 -30.13 -21.98 -4.38
CA GLU C 56 -29.91 -20.56 -4.11
C GLU C 56 -30.04 -20.22 -2.63
N GLY C 57 -28.94 -19.74 -2.06
CA GLY C 57 -28.88 -19.29 -0.66
C GLY C 57 -28.39 -20.35 0.28
N LYS C 58 -28.08 -21.52 -0.27
CA LYS C 58 -27.65 -22.68 0.48
C LYS C 58 -26.21 -22.99 0.11
N PHE C 59 -25.28 -22.43 0.87
CA PHE C 59 -23.87 -22.64 0.57
C PHE C 59 -23.36 -23.88 1.29
N VAL C 60 -22.52 -24.65 0.61
CA VAL C 60 -21.89 -25.82 1.20
C VAL C 60 -20.45 -25.47 1.55
N TRP C 61 -20.13 -25.47 2.85
CA TRP C 61 -18.80 -25.05 3.31
C TRP C 61 -17.91 -26.21 3.74
N SER C 62 -18.49 -27.37 4.04
CA SER C 62 -17.75 -28.44 4.70
C SER C 62 -16.48 -28.89 3.95
N GLU C 63 -16.58 -29.01 2.62
CA GLU C 63 -15.48 -29.60 1.83
C GLU C 63 -14.34 -28.62 1.65
N ALA C 64 -14.67 -27.38 1.28
CA ALA C 64 -13.69 -26.31 1.19
C ALA C 64 -13.08 -25.93 2.54
N ASP C 65 -13.87 -26.04 3.62
CA ASP C 65 -13.33 -25.84 4.98
C ASP C 65 -12.27 -26.90 5.29
N LYS C 66 -12.60 -28.16 5.01
CA LYS C 66 -11.68 -29.25 5.21
C LYS C 66 -10.40 -29.04 4.39
N LEU C 67 -10.56 -28.52 3.18
CA LEU C 67 -9.43 -28.20 2.33
C LEU C 67 -8.51 -27.13 2.94
N VAL C 68 -9.08 -25.98 3.31
CA VAL C 68 -8.28 -24.89 3.83
C VAL C 68 -7.65 -25.24 5.20
N ASN C 69 -8.32 -26.09 5.97
CA ASN C 69 -7.81 -26.61 7.24
C ASN C 69 -6.59 -27.50 7.04
N PHE C 70 -6.73 -28.43 6.10
CA PHE C 70 -5.67 -29.36 5.71
C PHE C 70 -4.46 -28.60 5.17
N ALA C 71 -4.70 -27.62 4.31
CA ALA C 71 -3.63 -26.82 3.71
C ALA C 71 -2.82 -26.03 4.75
N ALA C 72 -3.52 -25.33 5.65
CA ALA C 72 -2.87 -24.60 6.74
C ALA C 72 -1.99 -25.54 7.59
N ALA C 73 -2.52 -26.71 7.92
CA ALA C 73 -1.81 -27.71 8.75
C ALA C 73 -0.55 -28.24 8.09
N ASN C 74 -0.59 -28.39 6.76
CA ASN C 74 0.55 -28.89 5.99
C ASN C 74 1.33 -27.80 5.28
N ASN C 75 1.07 -26.54 5.66
CA ASN C 75 1.70 -25.35 5.09
C ASN C 75 1.67 -25.26 3.56
N MET C 76 0.48 -25.44 3.00
CA MET C 76 0.29 -25.48 1.55
C MET C 76 -0.63 -24.35 1.13
N GLN C 77 -0.41 -23.84 -0.09
CA GLN C 77 -1.31 -22.84 -0.68
C GLN C 77 -2.55 -23.55 -1.27
N VAL C 78 -3.62 -22.78 -1.45
CA VAL C 78 -4.84 -23.26 -2.10
C VAL C 78 -5.19 -22.35 -3.26
N ARG C 79 -5.47 -22.95 -4.42
CA ARG C 79 -6.10 -22.24 -5.51
C ARG C 79 -7.59 -22.58 -5.50
N GLY C 80 -8.43 -21.56 -5.59
CA GLY C 80 -9.87 -21.74 -5.65
C GLY C 80 -10.38 -21.86 -7.08
N HIS C 81 -10.86 -23.05 -7.43
CA HIS C 81 -11.33 -23.35 -8.77
C HIS C 81 -12.79 -23.84 -8.68
N THR C 82 -13.78 -23.11 -9.22
CA THR C 82 -13.67 -21.82 -9.90
C THR C 82 -14.94 -21.00 -9.60
N LEU C 83 -14.86 -19.67 -9.66
CA LEU C 83 -15.98 -18.82 -9.23
C LEU C 83 -17.05 -18.62 -10.28
N LEU C 84 -16.67 -18.81 -11.54
CA LEU C 84 -17.61 -18.65 -12.63
C LEU C 84 -17.23 -19.55 -13.77
N TRP C 85 -18.22 -20.28 -14.27
CA TRP C 85 -18.02 -21.16 -15.39
C TRP C 85 -19.38 -21.43 -16.03
N HIS C 86 -19.38 -22.12 -17.18
CA HIS C 86 -20.62 -22.46 -17.86
C HIS C 86 -20.89 -23.98 -17.83
N SER C 87 -20.02 -24.69 -17.12
CA SER C 87 -20.26 -26.11 -16.82
C SER C 87 -20.25 -26.26 -15.31
N GLN C 88 -20.84 -27.36 -14.82
CA GLN C 88 -20.92 -27.62 -13.38
C GLN C 88 -21.39 -26.39 -12.61
N VAL C 89 -22.49 -25.83 -13.11
CA VAL C 89 -23.14 -24.66 -12.55
C VAL C 89 -24.63 -24.99 -12.49
N PRO C 90 -25.26 -24.74 -11.33
CA PRO C 90 -26.68 -25.11 -11.22
C PRO C 90 -27.55 -24.28 -12.16
N ASP C 91 -28.56 -24.90 -12.74
CA ASP C 91 -29.48 -24.22 -13.66
C ASP C 91 -30.19 -23.02 -13.04
N TRP C 92 -30.39 -23.06 -11.71
CA TRP C 92 -31.15 -22.00 -11.04
C TRP C 92 -30.54 -20.62 -11.23
N PHE C 93 -29.22 -20.58 -11.45
CA PHE C 93 -28.53 -19.32 -11.70
C PHE C 93 -29.15 -18.53 -12.84
N PHE C 94 -29.61 -19.22 -13.88
CA PHE C 94 -29.92 -18.56 -15.13
C PHE C 94 -31.43 -18.45 -15.40
N THR C 95 -32.24 -18.80 -14.40
CA THR C 95 -33.69 -18.73 -14.56
C THR C 95 -34.33 -17.75 -13.56
N ASP C 96 -35.48 -17.19 -13.93
CA ASP C 96 -36.27 -16.33 -13.06
C ASP C 96 -36.62 -17.11 -11.79
N PRO C 97 -36.28 -16.58 -10.60
CA PRO C 97 -36.61 -17.29 -9.35
C PRO C 97 -38.12 -17.58 -9.20
N ASN C 98 -38.95 -16.75 -9.85
CA ASN C 98 -40.39 -16.92 -9.76
C ASN C 98 -41.02 -17.59 -10.97
N ASP C 99 -40.17 -18.06 -11.90
CA ASP C 99 -40.63 -18.75 -13.10
C ASP C 99 -39.47 -19.48 -13.78
N PRO C 100 -39.25 -20.77 -13.44
CA PRO C 100 -38.14 -21.54 -14.01
C PRO C 100 -38.19 -21.72 -15.53
N SER C 101 -39.32 -21.39 -16.14
CA SER C 101 -39.48 -21.48 -17.61
C SER C 101 -38.90 -20.26 -18.32
N LYS C 102 -38.56 -19.23 -17.56
CA LYS C 102 -38.07 -17.97 -18.10
C LYS C 102 -36.64 -17.69 -17.64
N PRO C 103 -35.87 -16.95 -18.44
CA PRO C 103 -34.51 -16.64 -18.02
C PRO C 103 -34.42 -15.58 -16.93
N ALA C 104 -33.34 -15.61 -16.16
CA ALA C 104 -33.00 -14.54 -15.23
C ALA C 104 -32.77 -13.22 -15.99
N THR C 105 -33.00 -12.10 -15.31
CA THR C 105 -32.69 -10.79 -15.90
C THR C 105 -31.23 -10.43 -15.65
N ARG C 106 -30.74 -9.43 -16.38
CA ARG C 106 -29.41 -8.88 -16.14
C ARG C 106 -29.15 -8.63 -14.66
N GLU C 107 -30.09 -7.94 -14.02
CA GLU C 107 -29.90 -7.49 -12.66
C GLU C 107 -29.94 -8.68 -11.71
N GLN C 108 -30.81 -9.65 -12.00
CA GLN C 108 -30.88 -10.87 -11.20
C GLN C 108 -29.58 -11.69 -11.27
N LEU C 109 -29.05 -11.86 -12.48
CA LEU C 109 -27.82 -12.66 -12.64
C LEU C 109 -26.58 -11.94 -12.10
N MET C 110 -26.53 -10.61 -12.26
CA MET C 110 -25.46 -9.79 -11.68
C MET C 110 -25.39 -9.93 -10.17
N GLN C 111 -26.55 -9.81 -9.52
CA GLN C 111 -26.63 -9.92 -8.07
C GLN C 111 -26.29 -11.34 -7.64
N ARG C 112 -26.77 -12.33 -8.39
CA ARG C 112 -26.41 -13.72 -8.13
C ARG C 112 -24.91 -13.96 -8.23
N MET C 113 -24.29 -13.37 -9.25
CA MET C 113 -22.85 -13.49 -9.46
C MET C 113 -22.12 -12.83 -8.29
N LYS C 114 -22.54 -11.63 -7.91
CA LYS C 114 -21.93 -10.91 -6.78
C LYS C 114 -22.05 -11.70 -5.48
N THR C 115 -23.24 -12.24 -5.21
CA THR C 115 -23.49 -12.99 -3.99
C THR C 115 -22.67 -14.28 -3.94
N HIS C 116 -22.62 -15.01 -5.05
CA HIS C 116 -21.82 -16.25 -5.09
C HIS C 116 -20.34 -15.94 -4.87
N ILE C 117 -19.81 -15.01 -5.66
CA ILE C 117 -18.39 -14.64 -5.57
C ILE C 117 -18.03 -14.10 -4.17
N GLN C 118 -18.75 -13.09 -3.71
CA GLN C 118 -18.36 -12.40 -2.47
C GLN C 118 -18.57 -13.21 -1.19
N THR C 119 -19.64 -14.01 -1.12
CA THR C 119 -19.84 -14.91 0.03
C THR C 119 -18.68 -15.88 0.15
N ILE C 120 -18.26 -16.47 -0.98
CA ILE C 120 -17.22 -17.48 -0.96
C ILE C 120 -15.83 -16.85 -0.76
N VAL C 121 -15.54 -15.78 -1.50
CA VAL C 121 -14.24 -15.14 -1.38
C VAL C 121 -14.05 -14.59 0.04
N SER C 122 -15.06 -13.89 0.52
CA SER C 122 -15.05 -13.34 1.89
C SER C 122 -14.79 -14.39 2.97
N ARG C 123 -15.40 -15.55 2.86
CA ARG C 123 -15.21 -16.62 3.85
C ARG C 123 -13.76 -17.11 3.91
N TYR C 124 -13.09 -17.11 2.75
CA TYR C 124 -11.77 -17.71 2.67
C TYR C 124 -10.60 -16.73 2.53
N LYS C 125 -10.85 -15.44 2.76
CA LYS C 125 -9.78 -14.44 2.84
C LYS C 125 -8.68 -14.94 3.76
N GLY C 126 -7.46 -15.02 3.24
CA GLY C 126 -6.30 -15.45 4.02
C GLY C 126 -6.09 -16.94 4.03
N LYS C 127 -7.09 -17.69 3.56
CA LYS C 127 -7.01 -19.15 3.50
C LYS C 127 -6.87 -19.64 2.05
N VAL C 128 -7.55 -18.96 1.12
CA VAL C 128 -7.36 -19.21 -0.30
C VAL C 128 -6.70 -17.98 -0.91
N HIS C 129 -5.45 -18.14 -1.34
CA HIS C 129 -4.65 -17.01 -1.84
C HIS C 129 -4.96 -16.66 -3.30
N THR C 130 -5.42 -17.64 -4.06
CA THR C 130 -5.59 -17.46 -5.49
C THR C 130 -6.94 -17.98 -5.96
N TRP C 131 -7.62 -17.19 -6.80
CA TRP C 131 -8.91 -17.62 -7.37
C TRP C 131 -8.88 -17.69 -8.89
N ASP C 132 -9.36 -18.81 -9.44
CA ASP C 132 -9.84 -18.81 -10.83
C ASP C 132 -11.18 -18.09 -10.84
N VAL C 133 -11.14 -16.76 -11.05
CA VAL C 133 -12.33 -15.93 -10.96
C VAL C 133 -13.31 -16.25 -12.09
N VAL C 134 -12.79 -16.37 -13.31
CA VAL C 134 -13.58 -16.92 -14.41
C VAL C 134 -12.80 -18.05 -15.09
N ASN C 135 -13.55 -19.03 -15.59
CA ASN C 135 -13.01 -20.18 -16.30
C ASN C 135 -13.57 -20.26 -17.72
N GLU C 136 -12.68 -20.34 -18.72
CA GLU C 136 -13.06 -20.67 -20.11
C GLU C 136 -14.13 -19.76 -20.71
N VAL C 137 -13.92 -18.45 -20.66
CA VAL C 137 -14.95 -17.52 -21.19
C VAL C 137 -14.81 -17.24 -22.68
N ILE C 138 -13.75 -17.73 -23.31
CA ILE C 138 -13.52 -17.47 -24.74
C ILE C 138 -13.95 -18.66 -25.60
N SER C 139 -14.70 -18.41 -26.67
CA SER C 139 -15.08 -19.52 -27.56
C SER C 139 -13.88 -20.06 -28.36
N ASP C 140 -13.85 -21.36 -28.58
CA ASP C 140 -12.87 -21.96 -29.48
C ASP C 140 -13.09 -21.51 -30.91
N GLY C 141 -14.31 -21.12 -31.22
CA GLY C 141 -14.67 -20.60 -32.55
C GLY C 141 -14.46 -19.09 -32.71
N GLY C 142 -13.94 -18.44 -31.68
CA GLY C 142 -13.65 -17.00 -31.77
C GLY C 142 -14.62 -16.16 -30.98
N GLY C 143 -14.09 -15.17 -30.28
CA GLY C 143 -14.89 -14.23 -29.51
C GLY C 143 -15.23 -14.78 -28.14
N LEU C 144 -16.00 -14.01 -27.38
CA LEU C 144 -16.47 -14.48 -26.07
C LEU C 144 -17.58 -15.52 -26.26
N ARG C 145 -17.63 -16.50 -25.36
CA ARG C 145 -18.69 -17.50 -25.39
C ARG C 145 -20.06 -16.86 -25.23
N ASN C 146 -21.03 -17.43 -25.92
CA ASN C 146 -22.44 -17.09 -25.78
C ASN C 146 -23.24 -18.40 -25.84
N GLN C 147 -24.56 -18.31 -25.96
CA GLN C 147 -25.40 -19.51 -25.96
C GLN C 147 -24.95 -20.54 -27.00
N ALA C 148 -24.59 -20.08 -28.20
CA ALA C 148 -24.09 -20.97 -29.26
C ALA C 148 -22.81 -21.72 -28.89
N SER C 149 -22.03 -21.17 -27.97
CA SER C 149 -20.80 -21.83 -27.50
C SER C 149 -20.83 -22.26 -26.02
N GLY C 150 -22.04 -22.50 -25.51
CA GLY C 150 -22.21 -23.20 -24.26
C GLY C 150 -22.40 -22.35 -23.01
N SER C 151 -22.52 -21.04 -23.16
CA SER C 151 -22.55 -20.14 -22.01
C SER C 151 -23.74 -19.18 -22.06
N LYS C 152 -24.35 -18.92 -20.92
CA LYS C 152 -25.52 -18.01 -20.86
C LYS C 152 -25.20 -16.67 -20.23
N TRP C 153 -23.97 -16.49 -19.74
CA TRP C 153 -23.62 -15.31 -18.96
C TRP C 153 -23.73 -14.02 -19.77
N ARG C 154 -23.14 -14.04 -20.97
CA ARG C 154 -23.04 -12.84 -21.80
C ARG C 154 -24.38 -12.42 -22.39
N ASP C 155 -25.20 -13.40 -22.78
CA ASP C 155 -26.52 -13.11 -23.35
C ASP C 155 -27.48 -12.52 -22.30
N ILE C 156 -27.34 -12.94 -21.05
CA ILE C 156 -28.20 -12.41 -19.99
C ILE C 156 -27.69 -11.06 -19.47
N ILE C 157 -26.41 -10.99 -19.13
CA ILE C 157 -25.89 -9.76 -18.51
C ILE C 157 -25.63 -8.67 -19.55
N GLY C 158 -24.95 -9.02 -20.64
CA GLY C 158 -24.77 -8.13 -21.80
C GLY C 158 -23.92 -6.92 -21.52
N ASP C 159 -24.19 -5.87 -22.29
CA ASP C 159 -23.45 -4.62 -22.18
C ASP C 159 -24.07 -3.77 -21.06
N VAL C 160 -23.62 -4.00 -19.83
CA VAL C 160 -24.14 -3.28 -18.65
C VAL C 160 -23.98 -1.75 -18.75
N ASP C 161 -22.77 -1.28 -19.05
CA ASP C 161 -22.50 0.18 -19.10
C ASP C 161 -22.87 0.85 -20.41
N GLY C 162 -23.27 0.05 -21.40
CA GLY C 162 -23.70 0.56 -22.70
C GLY C 162 -22.60 1.13 -23.57
N ASP C 163 -21.36 0.67 -23.35
CA ASP C 163 -20.19 1.19 -24.07
C ASP C 163 -19.88 0.49 -25.40
N GLY C 164 -20.76 -0.43 -25.82
CA GLY C 164 -20.63 -1.10 -27.12
C GLY C 164 -19.86 -2.40 -27.08
N ASP C 165 -19.31 -2.69 -25.93
CA ASP C 165 -18.63 -3.94 -25.64
C ASP C 165 -19.33 -4.72 -24.56
N ASP C 166 -19.45 -6.03 -24.68
CA ASP C 166 -20.21 -6.81 -23.69
C ASP C 166 -19.36 -7.77 -22.83
N SER C 167 -18.15 -7.34 -22.51
CA SER C 167 -17.25 -8.11 -21.64
C SER C 167 -17.57 -7.78 -20.18
N ASP C 168 -18.66 -7.05 -19.96
CA ASP C 168 -19.01 -6.50 -18.63
C ASP C 168 -19.05 -7.55 -17.53
N TYR C 169 -19.67 -8.69 -17.81
CA TYR C 169 -19.85 -9.70 -16.76
C TYR C 169 -18.51 -10.19 -16.23
N ILE C 170 -17.51 -10.25 -17.12
CA ILE C 170 -16.18 -10.70 -16.74
C ILE C 170 -15.53 -9.63 -15.87
N GLU C 171 -15.66 -8.39 -16.29
CA GLU C 171 -15.11 -7.26 -15.52
C GLU C 171 -15.73 -7.23 -14.11
N LEU C 172 -17.06 -7.34 -14.07
CA LEU C 172 -17.78 -7.42 -12.80
C LEU C 172 -17.33 -8.56 -11.91
N ALA C 173 -17.13 -9.75 -12.48
CA ALA C 173 -16.65 -10.90 -11.68
C ALA C 173 -15.33 -10.59 -10.95
N PHE C 174 -14.40 -9.96 -11.66
CA PHE C 174 -13.12 -9.61 -11.07
C PHE C 174 -13.26 -8.51 -10.02
N ARG C 175 -14.04 -7.48 -10.34
CA ARG C 175 -14.30 -6.38 -9.41
C ARG C 175 -14.98 -6.84 -8.11
N TYR C 176 -15.96 -7.74 -8.23
CA TYR C 176 -16.62 -8.34 -7.06
C TYR C 176 -15.65 -9.15 -6.20
N ALA C 177 -14.80 -9.95 -6.84
CA ALA C 177 -13.82 -10.78 -6.13
C ALA C 177 -12.79 -9.94 -5.36
N ARG C 178 -12.27 -8.89 -6.01
CA ARG C 178 -11.30 -8.00 -5.38
C ARG C 178 -11.92 -7.30 -4.19
N GLU C 179 -13.14 -6.80 -4.38
CA GLU C 179 -13.93 -6.14 -3.34
C GLU C 179 -14.03 -7.01 -2.09
N ALA C 180 -14.16 -8.31 -2.30
CA ALA C 180 -14.32 -9.27 -1.22
C ALA C 180 -13.01 -9.73 -0.56
N ASP C 181 -11.90 -9.65 -1.30
CA ASP C 181 -10.56 -9.99 -0.79
C ASP C 181 -9.50 -9.16 -1.50
N PRO C 182 -8.98 -8.11 -0.81
CA PRO C 182 -7.98 -7.21 -1.39
C PRO C 182 -6.62 -7.86 -1.70
N ASP C 183 -6.32 -9.00 -1.06
CA ASP C 183 -5.00 -9.64 -1.19
C ASP C 183 -4.97 -10.81 -2.16
N ALA C 184 -6.13 -11.31 -2.54
CA ALA C 184 -6.22 -12.49 -3.41
C ALA C 184 -5.61 -12.28 -4.81
N VAL C 185 -4.89 -13.30 -5.29
CA VAL C 185 -4.39 -13.31 -6.65
C VAL C 185 -5.53 -13.76 -7.57
N LEU C 186 -5.96 -12.89 -8.47
CA LEU C 186 -7.13 -13.13 -9.33
C LEU C 186 -6.74 -13.55 -10.75
N VAL C 187 -7.27 -14.69 -11.20
CA VAL C 187 -6.82 -15.35 -12.44
C VAL C 187 -7.98 -15.54 -13.44
N ILE C 188 -7.71 -15.25 -14.71
CA ILE C 188 -8.61 -15.68 -15.81
C ILE C 188 -8.00 -16.94 -16.39
N ASN C 189 -8.76 -18.03 -16.36
CA ASN C 189 -8.20 -19.34 -16.67
C ASN C 189 -8.77 -19.86 -18.00
N ASP C 190 -7.94 -20.46 -18.84
CA ASP C 190 -8.47 -21.03 -20.11
C ASP C 190 -7.58 -22.13 -20.69
N TYR C 191 -8.19 -22.98 -21.51
CA TYR C 191 -7.49 -24.04 -22.22
C TYR C 191 -7.24 -23.64 -23.69
N GLY C 192 -6.31 -24.33 -24.34
CA GLY C 192 -6.13 -24.18 -25.78
C GLY C 192 -5.29 -22.99 -26.20
N ILE C 193 -5.23 -21.97 -25.35
CA ILE C 193 -4.55 -20.70 -25.67
C ILE C 193 -3.03 -20.86 -25.81
N GLU C 194 -2.49 -21.95 -25.29
CA GLU C 194 -1.07 -22.25 -25.44
C GLU C 194 -0.70 -22.72 -26.86
N GLY C 195 -1.67 -23.27 -27.58
CA GLY C 195 -1.42 -23.89 -28.87
C GLY C 195 -2.22 -23.30 -30.03
N SER C 196 -3.11 -22.37 -29.72
CA SER C 196 -3.97 -21.77 -30.74
C SER C 196 -3.70 -20.28 -30.81
N VAL C 197 -3.18 -19.82 -31.93
CA VAL C 197 -2.90 -18.41 -32.10
C VAL C 197 -4.18 -17.58 -32.04
N SER C 198 -5.25 -18.06 -32.69
CA SER C 198 -6.50 -17.30 -32.75
C SER C 198 -7.17 -17.21 -31.38
N LYS C 199 -7.10 -18.28 -30.59
CA LYS C 199 -7.68 -18.23 -29.26
C LYS C 199 -6.86 -17.29 -28.35
N MET C 200 -5.54 -17.35 -28.47
CA MET C 200 -4.68 -16.49 -27.67
C MET C 200 -4.85 -15.03 -28.11
N ASN C 201 -5.11 -14.80 -29.40
CA ASN C 201 -5.42 -13.45 -29.91
C ASN C 201 -6.59 -12.85 -29.15
N ASP C 202 -7.61 -13.69 -28.92
CA ASP C 202 -8.81 -13.29 -28.17
C ASP C 202 -8.51 -13.05 -26.69
N MET C 203 -7.71 -13.91 -26.09
CA MET C 203 -7.29 -13.72 -24.71
C MET C 203 -6.55 -12.39 -24.53
N VAL C 204 -5.61 -12.10 -25.42
CA VAL C 204 -4.82 -10.85 -25.37
C VAL C 204 -5.74 -9.62 -25.51
N LYS C 205 -6.61 -9.65 -26.51
CA LYS C 205 -7.54 -8.54 -26.74
C LYS C 205 -8.48 -8.32 -25.56
N LEU C 206 -9.01 -9.41 -24.99
CA LEU C 206 -9.87 -9.33 -23.81
C LEU C 206 -9.14 -8.76 -22.58
N VAL C 207 -7.93 -9.26 -22.31
CA VAL C 207 -7.16 -8.83 -21.14
C VAL C 207 -6.67 -7.38 -21.32
N GLU C 208 -6.21 -7.04 -22.51
CA GLU C 208 -5.78 -5.66 -22.82
C GLU C 208 -6.89 -4.69 -22.52
N LYS C 209 -8.08 -5.05 -22.94
CA LYS C 209 -9.26 -4.24 -22.78
C LYS C 209 -9.76 -4.14 -21.34
N LEU C 210 -9.75 -5.24 -20.62
CA LEU C 210 -10.11 -5.21 -19.21
C LEU C 210 -9.09 -4.44 -18.37
N LEU C 211 -7.80 -4.65 -18.65
CA LEU C 211 -6.76 -3.92 -17.92
C LEU C 211 -6.85 -2.40 -18.14
N ALA C 212 -7.23 -1.99 -19.35
CA ALA C 212 -7.42 -0.58 -19.70
C ALA C 212 -8.58 0.04 -18.91
N LYS C 213 -9.56 -0.79 -18.56
CA LYS C 213 -10.71 -0.40 -17.73
C LYS C 213 -10.37 -0.34 -16.24
N GLY C 214 -9.18 -0.79 -15.86
CA GLY C 214 -8.77 -0.90 -14.46
C GLY C 214 -9.20 -2.19 -13.77
N THR C 215 -9.53 -3.22 -14.55
CA THR C 215 -9.99 -4.50 -13.99
C THR C 215 -8.86 -5.19 -13.21
N PRO C 216 -9.13 -5.62 -11.96
CA PRO C 216 -8.08 -6.26 -11.14
C PRO C 216 -7.76 -7.71 -11.53
N ILE C 217 -7.14 -7.89 -12.70
CA ILE C 217 -6.66 -9.22 -13.14
C ILE C 217 -5.16 -9.30 -12.85
N ASP C 218 -4.77 -10.34 -12.14
CA ASP C 218 -3.37 -10.54 -11.73
C ASP C 218 -2.61 -11.52 -12.63
N ALA C 219 -3.31 -12.54 -13.13
CA ALA C 219 -2.67 -13.57 -13.93
C ALA C 219 -3.57 -14.19 -15.00
N ILE C 220 -2.95 -14.70 -16.06
CA ILE C 220 -3.62 -15.57 -17.03
C ILE C 220 -3.27 -17.02 -16.67
N GLY C 221 -4.31 -17.84 -16.49
CA GLY C 221 -4.14 -19.26 -16.20
C GLY C 221 -4.20 -20.02 -17.52
N PHE C 222 -3.13 -20.76 -17.81
CA PHE C 222 -3.08 -21.69 -18.93
C PHE C 222 -3.35 -23.08 -18.36
N GLN C 223 -4.46 -23.70 -18.72
CA GLN C 223 -4.78 -25.04 -18.23
C GLN C 223 -3.73 -26.05 -18.64
N MET C 224 -3.24 -25.94 -19.88
CA MET C 224 -2.19 -26.83 -20.38
C MET C 224 -2.65 -28.29 -20.41
N HIS C 225 -3.85 -28.54 -20.94
CA HIS C 225 -4.26 -29.89 -21.28
C HIS C 225 -3.59 -30.31 -22.58
N VAL C 226 -2.35 -30.79 -22.48
CA VAL C 226 -1.56 -31.07 -23.70
C VAL C 226 -1.52 -32.58 -23.96
N SER C 227 -0.87 -32.98 -25.04
CA SER C 227 -0.71 -34.41 -25.28
C SER C 227 0.75 -34.68 -25.62
N MET C 228 1.05 -35.96 -25.83
CA MET C 228 2.39 -36.35 -26.27
C MET C 228 2.65 -35.90 -27.71
N TYR C 229 1.61 -35.40 -28.36
CA TYR C 229 1.69 -35.07 -29.78
C TYR C 229 1.81 -33.57 -30.01
N GLY C 230 1.48 -32.78 -28.99
CA GLY C 230 1.53 -31.32 -29.14
C GLY C 230 0.85 -30.61 -28.00
N PRO C 231 0.90 -29.26 -28.01
CA PRO C 231 1.62 -28.42 -28.98
C PRO C 231 3.14 -28.38 -28.71
N ASP C 232 3.94 -27.90 -29.67
CA ASP C 232 5.38 -27.86 -29.41
C ASP C 232 5.76 -26.75 -28.43
N ILE C 233 6.92 -26.93 -27.78
CA ILE C 233 7.42 -25.98 -26.79
C ILE C 233 7.50 -24.56 -27.36
N LYS C 234 7.90 -24.46 -28.63
CA LYS C 234 7.99 -23.16 -29.31
C LYS C 234 6.66 -22.39 -29.27
N GLN C 235 5.56 -23.06 -29.60
CA GLN C 235 4.24 -22.41 -29.61
C GLN C 235 3.85 -21.94 -28.22
N ILE C 236 4.10 -22.80 -27.24
CA ILE C 236 3.75 -22.52 -25.84
C ILE C 236 4.54 -21.30 -25.35
N ARG C 237 5.84 -21.29 -25.62
CA ARG C 237 6.68 -20.17 -25.24
C ARG C 237 6.13 -18.86 -25.83
N GLU C 238 5.72 -18.89 -27.09
CA GLU C 238 5.16 -17.69 -27.75
C GLU C 238 3.91 -17.16 -27.03
N ALA C 239 3.01 -18.09 -26.68
CA ALA C 239 1.79 -17.76 -25.95
C ALA C 239 2.09 -17.18 -24.55
N PHE C 240 3.01 -17.84 -23.84
CA PHE C 240 3.42 -17.37 -22.51
C PHE C 240 4.00 -15.95 -22.59
N ASN C 241 4.83 -15.70 -23.58
CA ASN C 241 5.44 -14.38 -23.76
C ASN C 241 4.41 -13.30 -23.99
N ARG C 242 3.39 -13.61 -24.78
CA ARG C 242 2.30 -12.68 -25.05
C ARG C 242 1.53 -12.31 -23.76
N ALA C 243 1.33 -13.29 -22.89
CA ALA C 243 0.69 -13.03 -21.60
C ALA C 243 1.58 -12.16 -20.69
N ALA C 244 2.86 -12.51 -20.60
CA ALA C 244 3.80 -11.79 -19.75
C ALA C 244 3.98 -10.33 -20.21
N ALA C 245 3.86 -10.10 -21.53
CA ALA C 245 4.02 -8.78 -22.11
C ALA C 245 2.90 -7.82 -21.70
N LEU C 246 1.81 -8.37 -21.20
CA LEU C 246 0.66 -7.57 -20.76
C LEU C 246 0.84 -7.01 -19.36
N GLY C 247 1.94 -7.40 -18.73
CA GLY C 247 2.25 -7.01 -17.35
C GLY C 247 1.62 -7.88 -16.28
N VAL C 248 0.98 -8.98 -16.69
CA VAL C 248 0.36 -9.89 -15.73
C VAL C 248 1.26 -11.10 -15.55
N HIS C 249 0.95 -11.92 -14.55
CA HIS C 249 1.69 -13.16 -14.39
C HIS C 249 0.99 -14.29 -15.12
N ILE C 250 1.61 -15.46 -15.05
CA ILE C 250 1.14 -16.66 -15.71
C ILE C 250 1.08 -17.77 -14.69
N GLN C 251 0.06 -18.62 -14.84
CA GLN C 251 -0.03 -19.80 -14.02
C GLN C 251 -0.36 -20.91 -14.97
N VAL C 252 0.21 -22.08 -14.69
CA VAL C 252 -0.17 -23.33 -15.34
C VAL C 252 -1.11 -24.05 -14.38
N THR C 253 -2.37 -24.19 -14.77
CA THR C 253 -3.40 -24.55 -13.79
C THR C 253 -3.92 -25.97 -13.81
N GLU C 254 -3.82 -26.66 -14.95
CA GLU C 254 -4.45 -27.98 -15.08
C GLU C 254 -3.59 -28.93 -15.92
N LEU C 255 -2.29 -28.90 -15.66
CA LEU C 255 -1.34 -29.60 -16.49
C LEU C 255 -1.57 -31.10 -16.48
N ASP C 256 -1.75 -31.65 -17.68
CA ASP C 256 -1.71 -33.10 -17.88
C ASP C 256 -1.28 -33.39 -19.32
N MET C 257 -0.84 -34.61 -19.57
CA MET C 257 -0.31 -34.93 -20.88
C MET C 257 -0.85 -36.27 -21.41
N SER C 258 -1.92 -36.20 -22.19
CA SER C 258 -2.56 -37.40 -22.72
C SER C 258 -1.60 -38.22 -23.61
N ILE C 259 -1.74 -39.54 -23.56
CA ILE C 259 -0.98 -40.42 -24.46
C ILE C 259 -1.64 -40.48 -25.86
N TYR C 260 -2.82 -39.87 -26.03
CA TYR C 260 -3.57 -39.86 -27.31
C TYR C 260 -3.59 -38.46 -27.92
N SER C 261 -3.74 -38.35 -29.24
CA SER C 261 -3.80 -37.00 -29.87
C SER C 261 -5.18 -36.36 -29.79
N GLY C 262 -6.21 -37.20 -29.78
CA GLY C 262 -7.59 -36.74 -29.70
C GLY C 262 -8.53 -37.89 -29.43
N ASN C 263 -9.68 -37.85 -30.10
CA ASN C 263 -10.74 -38.82 -29.83
C ASN C 263 -10.79 -40.02 -30.76
N SER C 264 -9.94 -40.05 -31.79
CA SER C 264 -10.03 -41.13 -32.79
C SER C 264 -9.29 -42.41 -32.40
N GLU C 265 -8.19 -42.27 -31.65
CA GLU C 265 -7.34 -43.39 -31.28
C GLU C 265 -8.00 -44.26 -30.22
N GLN C 266 -8.03 -45.57 -30.48
CA GLN C 266 -8.58 -46.52 -29.51
C GLN C 266 -7.61 -46.69 -28.35
N GLU C 267 -8.12 -47.18 -27.21
CA GLU C 267 -7.30 -47.43 -26.04
C GLU C 267 -6.06 -48.25 -26.42
N LYS C 268 -4.93 -47.89 -25.84
CA LYS C 268 -3.68 -48.59 -26.13
C LYS C 268 -2.89 -48.88 -24.85
N PRO C 269 -2.08 -49.96 -24.87
CA PRO C 269 -1.28 -50.20 -23.69
C PRO C 269 -0.12 -49.20 -23.54
N VAL C 270 0.23 -48.93 -22.30
CA VAL C 270 1.35 -48.09 -21.93
C VAL C 270 2.62 -48.94 -22.12
N THR C 271 3.67 -48.33 -22.67
CA THR C 271 4.96 -49.01 -22.83
C THR C 271 6.04 -48.17 -22.17
N ASP C 272 7.19 -48.74 -21.83
CA ASP C 272 8.25 -47.91 -21.25
C ASP C 272 8.79 -46.90 -22.27
N GLU C 273 8.72 -47.24 -23.56
CA GLU C 273 9.08 -46.29 -24.62
C GLU C 273 8.17 -45.06 -24.60
N MET C 274 6.87 -45.29 -24.46
CA MET C 274 5.88 -44.22 -24.34
C MET C 274 6.15 -43.38 -23.10
N MET C 275 6.46 -44.05 -21.99
CA MET C 275 6.77 -43.34 -20.75
C MET C 275 8.09 -42.57 -20.82
N LEU C 276 9.05 -43.08 -21.59
CA LEU C 276 10.30 -42.35 -21.82
C LEU C 276 10.02 -41.07 -22.60
N GLU C 277 9.22 -41.18 -23.65
CA GLU C 277 8.89 -40.03 -24.51
C GLU C 277 8.12 -38.99 -23.69
N GLN C 278 7.22 -39.45 -22.81
CA GLN C 278 6.47 -38.56 -21.92
C GLN C 278 7.43 -37.84 -20.97
N ALA C 279 8.44 -38.58 -20.50
CA ALA C 279 9.50 -37.99 -19.69
C ALA C 279 10.26 -36.88 -20.43
N TYR C 280 10.67 -37.11 -21.69
CA TYR C 280 11.33 -36.05 -22.45
C TYR C 280 10.45 -34.81 -22.56
N ARG C 281 9.16 -35.02 -22.82
CA ARG C 281 8.22 -33.92 -23.02
C ARG C 281 7.94 -33.13 -21.72
N TYR C 282 7.72 -33.83 -20.60
CA TYR C 282 7.58 -33.16 -19.30
C TYR C 282 8.85 -32.39 -18.92
N ARG C 283 10.02 -33.00 -19.13
CA ARG C 283 11.28 -32.30 -18.90
C ARG C 283 11.38 -30.99 -19.69
N ALA C 284 11.02 -31.04 -20.99
CA ALA C 284 11.04 -29.85 -21.83
C ALA C 284 10.06 -28.79 -21.34
N LEU C 285 8.88 -29.23 -20.91
CA LEU C 285 7.89 -28.31 -20.33
C LEU C 285 8.40 -27.64 -19.06
N PHE C 286 9.02 -28.42 -18.18
CA PHE C 286 9.53 -27.83 -16.94
C PHE C 286 10.77 -26.96 -17.17
N ASP C 287 11.54 -27.27 -18.21
CA ASP C 287 12.60 -26.36 -18.67
C ASP C 287 11.97 -25.04 -19.11
N LEU C 288 10.84 -25.10 -19.81
CA LEU C 288 10.19 -23.89 -20.26
C LEU C 288 9.63 -23.09 -19.08
N PHE C 289 9.02 -23.78 -18.11
CA PHE C 289 8.48 -23.09 -16.95
C PHE C 289 9.60 -22.38 -16.19
N LYS C 290 10.81 -22.96 -16.17
CA LYS C 290 11.96 -22.33 -15.51
C LYS C 290 12.35 -20.98 -16.15
N GLU C 291 12.32 -20.92 -17.48
CA GLU C 291 12.53 -19.65 -18.17
C GLU C 291 11.67 -18.54 -17.57
N PHE C 292 10.38 -18.83 -17.38
CA PHE C 292 9.45 -17.82 -16.88
C PHE C 292 9.53 -17.61 -15.38
N ASP C 293 9.89 -18.67 -14.67
CA ASP C 293 10.17 -18.59 -13.23
C ASP C 293 11.37 -17.66 -12.96
N ASP C 294 12.38 -17.74 -13.83
CA ASP C 294 13.57 -16.92 -13.70
C ASP C 294 13.26 -15.44 -13.93
N ARG C 295 12.16 -15.15 -14.60
CA ARG C 295 11.73 -13.77 -14.83
C ARG C 295 10.78 -13.30 -13.73
N GLY C 296 10.42 -14.22 -12.84
CA GLY C 296 9.55 -13.94 -11.70
C GLY C 296 8.10 -13.75 -12.08
N VAL C 297 7.69 -14.30 -13.23
CA VAL C 297 6.33 -14.08 -13.73
C VAL C 297 5.44 -15.34 -13.73
N MET C 298 5.96 -16.45 -13.20
CA MET C 298 5.19 -17.69 -13.05
C MET C 298 4.78 -17.88 -11.59
N ASP C 299 3.47 -17.88 -11.32
CA ASP C 299 3.01 -17.98 -9.93
C ASP C 299 2.95 -19.41 -9.41
N SER C 300 2.49 -20.33 -10.27
CA SER C 300 2.29 -21.72 -9.86
C SER C 300 2.16 -22.60 -11.09
N VAL C 301 2.42 -23.88 -10.89
CA VAL C 301 2.22 -24.90 -11.89
C VAL C 301 1.50 -26.01 -11.14
N THR C 302 0.30 -26.36 -11.60
CA THR C 302 -0.49 -27.38 -10.95
C THR C 302 -0.77 -28.54 -11.90
N LEU C 303 -0.47 -29.76 -11.44
CA LEU C 303 -0.82 -30.95 -12.20
C LEU C 303 -2.29 -31.26 -11.95
N TRP C 304 -3.02 -31.61 -13.01
CA TRP C 304 -4.45 -31.89 -12.87
C TRP C 304 -4.70 -33.33 -12.41
N GLY C 305 -4.22 -33.61 -11.19
CA GLY C 305 -4.28 -34.95 -10.62
C GLY C 305 -2.97 -35.37 -9.99
N LEU C 306 -3.06 -36.18 -8.95
CA LEU C 306 -1.87 -36.70 -8.30
C LEU C 306 -1.26 -37.85 -9.09
N ALA C 307 -2.11 -38.72 -9.62
CA ALA C 307 -1.68 -40.01 -10.17
C ALA C 307 -2.66 -40.52 -11.22
N ASP C 308 -2.17 -41.39 -12.09
CA ASP C 308 -2.97 -41.94 -13.18
C ASP C 308 -4.22 -42.76 -12.77
N ASP C 309 -4.36 -43.05 -11.48
CA ASP C 309 -5.56 -43.73 -11.00
C ASP C 309 -6.69 -42.72 -10.74
N GLY C 310 -6.37 -41.43 -10.88
CA GLY C 310 -7.37 -40.39 -10.72
C GLY C 310 -7.21 -39.31 -11.77
N THR C 311 -7.39 -39.66 -13.03
CA THR C 311 -7.37 -38.66 -14.12
C THR C 311 -8.72 -38.53 -14.81
N TRP C 312 -9.17 -37.29 -15.00
CA TRP C 312 -10.37 -37.02 -15.80
C TRP C 312 -10.21 -37.43 -17.27
N LEU C 313 -8.96 -37.60 -17.71
CA LEU C 313 -8.70 -38.01 -19.10
C LEU C 313 -9.09 -39.47 -19.37
N ASP C 314 -9.40 -40.23 -18.33
CA ASP C 314 -9.99 -41.55 -18.52
C ASP C 314 -11.38 -41.50 -19.14
N ASP C 315 -12.03 -40.33 -19.14
CA ASP C 315 -13.38 -40.22 -19.70
C ASP C 315 -13.58 -39.01 -20.61
N PHE C 316 -12.57 -38.16 -20.69
CA PHE C 316 -12.56 -37.06 -21.66
C PHE C 316 -11.31 -37.22 -22.53
N PRO C 317 -11.47 -37.14 -23.87
CA PRO C 317 -12.71 -36.89 -24.62
C PRO C 317 -13.46 -38.18 -25.01
N VAL C 318 -12.93 -39.33 -24.62
CA VAL C 318 -13.55 -40.63 -24.88
C VAL C 318 -13.92 -41.33 -23.58
N LYS C 319 -15.20 -41.65 -23.40
CA LYS C 319 -15.63 -42.33 -22.20
C LYS C 319 -15.00 -43.73 -22.16
N GLY C 320 -14.39 -44.06 -21.03
CA GLY C 320 -13.84 -45.40 -20.80
C GLY C 320 -12.55 -45.74 -21.52
N ARG C 321 -11.76 -44.73 -21.89
CA ARG C 321 -10.47 -44.95 -22.54
C ARG C 321 -9.37 -44.62 -21.55
N LYS C 322 -8.64 -45.64 -21.10
CA LYS C 322 -7.62 -45.43 -20.07
C LYS C 322 -6.39 -44.67 -20.58
N ASP C 323 -6.10 -43.55 -19.93
CA ASP C 323 -4.97 -42.67 -20.27
C ASP C 323 -3.84 -42.85 -19.24
N ALA C 324 -2.74 -42.13 -19.40
CA ALA C 324 -1.61 -42.18 -18.46
C ALA C 324 -0.86 -40.84 -18.46
N PRO C 325 -1.54 -39.79 -17.96
CA PRO C 325 -1.12 -38.42 -18.22
C PRO C 325 -0.29 -37.72 -17.15
N LEU C 326 -0.06 -38.38 -16.01
CA LEU C 326 0.45 -37.66 -14.83
C LEU C 326 1.83 -38.14 -14.40
N LEU C 327 2.28 -37.74 -13.21
CA LEU C 327 3.66 -38.00 -12.78
C LEU C 327 3.82 -39.30 -12.00
N PHE C 328 2.69 -39.84 -11.53
CA PHE C 328 2.68 -41.09 -10.77
C PHE C 328 1.68 -42.03 -11.41
N ASP C 329 1.98 -43.33 -11.41
CA ASP C 329 1.12 -44.28 -12.13
C ASP C 329 -0.12 -44.68 -11.33
N ARG C 330 -0.86 -45.66 -11.83
CA ARG C 330 -2.11 -46.09 -11.19
C ARG C 330 -1.91 -46.78 -9.83
N LYS C 331 -0.66 -47.13 -9.52
CA LYS C 331 -0.32 -47.69 -8.20
C LYS C 331 0.50 -46.71 -7.37
N LEU C 332 0.45 -45.45 -7.79
CA LEU C 332 1.09 -44.33 -7.08
C LEU C 332 2.63 -44.34 -7.08
N LYS C 333 3.20 -45.17 -7.95
CA LYS C 333 4.63 -45.21 -8.15
C LYS C 333 5.07 -44.08 -9.08
N ALA C 334 6.21 -43.47 -8.77
CA ALA C 334 6.78 -42.42 -9.60
C ALA C 334 7.10 -42.94 -11.00
N LYS C 335 6.82 -42.11 -12.00
CA LYS C 335 6.96 -42.47 -13.41
C LYS C 335 8.23 -41.86 -13.98
N PRO C 336 8.71 -42.35 -15.15
CA PRO C 336 9.89 -41.73 -15.75
C PRO C 336 9.82 -40.20 -15.76
N ALA C 337 8.64 -39.65 -15.98
CA ALA C 337 8.45 -38.20 -16.00
C ALA C 337 8.83 -37.55 -14.65
N TYR C 338 8.43 -38.17 -13.55
CA TYR C 338 8.85 -37.71 -12.21
C TYR C 338 10.38 -37.72 -12.08
N TRP C 339 11.00 -38.83 -12.45
CA TRP C 339 12.46 -39.01 -12.32
C TRP C 339 13.26 -37.98 -13.13
N ALA C 340 12.72 -37.59 -14.28
CA ALA C 340 13.32 -36.58 -15.13
C ALA C 340 13.29 -35.20 -14.47
N LEU C 341 12.30 -34.97 -13.62
CA LEU C 341 12.17 -33.70 -12.93
C LEU C 341 13.09 -33.56 -11.72
N VAL C 342 13.16 -34.60 -10.89
CA VAL C 342 13.96 -34.54 -9.65
C VAL C 342 15.45 -34.82 -9.88
N ASP C 343 15.77 -35.45 -11.00
CA ASP C 343 17.13 -35.88 -11.31
C ASP C 343 17.27 -35.92 -12.82
N PRO C 344 17.53 -34.76 -13.44
CA PRO C 344 17.58 -34.69 -14.91
C PRO C 344 18.57 -35.69 -15.54
N SER C 345 19.49 -36.22 -14.74
CA SER C 345 20.47 -37.19 -15.25
C SER C 345 19.90 -38.60 -15.52
N THR C 346 18.70 -38.88 -15.05
CA THR C 346 18.02 -40.16 -15.30
C THR C 346 17.56 -40.27 -16.76
N LEU C 347 17.50 -39.12 -17.42
CA LEU C 347 17.01 -39.04 -18.78
C LEU C 347 18.19 -39.01 -19.74
N PRO C 348 18.34 -40.05 -20.60
CA PRO C 348 19.57 -40.07 -21.43
C PRO C 348 19.51 -39.05 -22.58
N VAL C 349 20.43 -38.08 -22.58
CA VAL C 349 20.37 -37.00 -23.58
C VAL C 349 21.42 -37.19 -24.67
N TYR C 350 21.93 -38.42 -24.78
CA TYR C 350 22.82 -38.81 -25.87
C TYR C 350 22.73 -40.32 -26.11
N ARG C 351 23.23 -40.77 -27.25
CA ARG C 351 23.33 -42.19 -27.51
C ARG C 351 24.79 -42.59 -27.76
N ASN C 352 25.25 -42.61 -29.00
CA ASN C 352 26.61 -43.10 -29.28
C ASN C 352 27.23 -42.60 -30.58
#